data_9DUN
#
_entry.id   9DUN
#
_cell.length_a   1.00
_cell.length_b   1.00
_cell.length_c   1.00
_cell.angle_alpha   90.00
_cell.angle_beta   90.00
_cell.angle_gamma   90.00
#
_symmetry.space_group_name_H-M   'P 1'
#
loop_
_entity.id
_entity.type
_entity.pdbx_description
1 polymer "Polynucleotide 5'-hydroxyl-kinase NOL9"
2 polymer 'Ribosomal biogenesis protein LAS1L'
3 polymer 'Ribosomal biogenesis protein LAS1L'
#
loop_
_entity_poly.entity_id
_entity_poly.type
_entity_poly.pdbx_seq_one_letter_code
_entity_poly.pdbx_strand_id
1 'polypeptide(L)'
;SNSASSCHRPLLIPPVRPVGPGRALLLLPVEQGFTFSGICRVTCLYGQVQVFGFTISQGQPAQDIFSVYTHSCLSIHALH
YSQPEKSKKELKREARNLLKSHLNLDDRRWSMQNFSPQCSIVLLEHLKTATVNFITSYPGSSYIFVQESPTPQIKPEYLA
LRSVGIRREKKRKGLQLTESTLSALEELVNVSCEEVDGCPVILVCGSQDVGKSTFNRYLINHLLNSLPCVDYLECDLGQT
EFTPPGCISLLNITEPVLGPPFTHLRTPQKMVYYGKPSCKNNYENYIDIVKYVFSAYKRESPLIVNTMGWVSDQGLLLLI
DLIRLLSPSHVVQFRSDHSKYMPDLTPQYVDDMDGLYTKSKTKMRNRRFRLAAFADALEFADEEKESPVEFTGHKLIGVY
TDFAFRITPRNRESHNKILRDLSILSYLSQLQPPMPKPLSPLHSLTPYQVPFNAVALRITHSDVAPTHILYAVNASWVGL
CKIQDDVRGYTNGPILLAQTPICDCLGFGICRGIDMEKRLYHILTPVPPEELRTVNCLLVGAIAIPHCVLKCQRGIEGTV
PYVTTDYNFKLPGASEKIGAREPEEAHKEKPYRRPKFCRKMK
;
A,B
2 'polypeptide(L)'
;SNMSWESGAGPGLGSQGMDLVWSAWYGKCVKGKGSLPLSAHGIVVAWLSRAEWDQVTVYLFCDDHKLQRYALNRITVWRS
RSGNELPLAVASTADLIRCKLLDVTGGLGTDELRLLYGMALVRFVNLISERKTKFAKVPLKCLAQEVNIPDWIVDLRHEL
THKKMPHINDCRRGCYFVLDWLQKTYWCRQLENSLRETWELE
;
C,D
3 'polypeptide(L)' SNGQESPTAENARLLAQKRGALQGSAWQVSSEDVRWDTFPLGRMPGQTEDPAELMLENYDTMYLLDQPVLE E,F
#
# COMPACT_ATOMS: atom_id res chain seq x y z
N CYS A 199 44.75 5.96 34.09
CA CYS A 199 44.25 5.48 32.80
C CYS A 199 43.59 6.61 32.01
N PRO A 200 44.41 7.48 31.41
CA PRO A 200 43.87 8.60 30.65
C PRO A 200 43.31 8.17 29.30
N VAL A 201 42.04 7.75 29.30
CA VAL A 201 41.39 7.27 28.08
C VAL A 201 41.54 8.29 26.97
N ILE A 202 42.04 7.84 25.82
CA ILE A 202 42.31 8.69 24.66
C ILE A 202 41.24 8.46 23.61
N LEU A 203 40.82 9.53 22.95
CA LEU A 203 39.81 9.46 21.90
C LEU A 203 40.35 10.19 20.67
N VAL A 204 39.92 9.73 19.50
CA VAL A 204 40.35 10.29 18.22
C VAL A 204 39.12 10.67 17.40
N CYS A 205 39.18 11.83 16.75
CA CYS A 205 38.09 12.31 15.92
C CYS A 205 38.68 12.97 14.68
N GLY A 206 38.23 12.53 13.50
CA GLY A 206 38.74 13.09 12.26
C GLY A 206 37.91 12.64 11.09
N SER A 207 38.09 13.36 9.98
CA SER A 207 37.40 13.06 8.73
C SER A 207 38.29 12.18 7.85
N GLN A 208 37.87 11.99 6.60
CA GLN A 208 38.66 11.20 5.67
C GLN A 208 39.95 11.91 5.31
N ASP A 209 41.04 11.14 5.24
CA ASP A 209 42.36 11.63 4.82
C ASP A 209 42.83 12.79 5.68
N VAL A 210 43.01 12.49 6.97
CA VAL A 210 43.56 13.47 7.92
C VAL A 210 44.70 12.83 8.68
N GLY A 211 44.90 11.53 8.49
CA GLY A 211 45.98 10.82 9.15
C GLY A 211 45.65 10.21 10.49
N LYS A 212 44.35 10.06 10.81
CA LYS A 212 43.98 9.46 12.09
C LYS A 212 44.44 8.01 12.19
N SER A 213 44.32 7.26 11.09
CA SER A 213 44.73 5.86 11.10
C SER A 213 46.23 5.72 11.37
N THR A 214 47.04 6.54 10.72
CA THR A 214 48.48 6.53 10.97
C THR A 214 48.83 7.46 12.13
N PHE A 215 48.12 7.26 13.23
CA PHE A 215 48.39 7.88 14.52
C PHE A 215 48.32 6.88 15.65
N ASN A 216 47.36 5.96 15.61
CA ASN A 216 47.32 4.88 16.60
C ASN A 216 48.48 3.92 16.41
N ARG A 217 48.99 3.80 15.18
CA ARG A 217 50.17 2.98 14.94
C ARG A 217 51.42 3.59 15.57
N TYR A 218 51.51 4.92 15.59
CA TYR A 218 52.66 5.62 16.14
C TYR A 218 52.54 5.83 17.64
N LEU A 219 51.35 6.21 18.12
CA LEU A 219 51.16 6.45 19.54
C LEU A 219 51.36 5.17 20.35
N ILE A 220 50.79 4.06 19.88
CA ILE A 220 50.97 2.78 20.57
C ILE A 220 52.43 2.35 20.51
N ASN A 221 53.09 2.61 19.38
CA ASN A 221 54.51 2.26 19.25
C ASN A 221 55.34 3.02 20.29
N HIS A 222 55.08 4.32 20.44
CA HIS A 222 55.81 5.10 21.42
C HIS A 222 55.50 4.64 22.84
N LEU A 223 54.23 4.35 23.13
CA LEU A 223 53.86 3.94 24.48
C LEU A 223 54.39 2.56 24.85
N LEU A 224 54.59 1.69 23.87
CA LEU A 224 55.05 0.34 24.18
C LEU A 224 56.48 0.30 24.71
N ASN A 225 57.24 1.38 24.54
CA ASN A 225 58.57 1.44 25.13
C ASN A 225 58.50 1.59 26.65
N SER A 226 57.69 2.54 27.14
CA SER A 226 57.60 2.79 28.57
C SER A 226 56.58 1.86 29.23
N LEU A 227 55.32 1.96 28.83
CA LEU A 227 54.27 1.16 29.43
C LEU A 227 54.30 -0.27 28.88
N PRO A 228 53.97 -1.28 29.69
CA PRO A 228 54.03 -2.65 29.20
C PRO A 228 52.89 -2.99 28.24
N CYS A 229 51.67 -2.58 28.54
CA CYS A 229 50.51 -2.93 27.73
C CYS A 229 49.65 -1.70 27.49
N VAL A 230 48.91 -1.72 26.39
CA VAL A 230 47.99 -0.65 26.02
C VAL A 230 46.70 -1.29 25.52
N ASP A 231 45.58 -0.61 25.76
CA ASP A 231 44.27 -1.08 25.35
C ASP A 231 43.76 -0.24 24.19
N TYR A 232 42.94 -0.86 23.35
CA TYR A 232 42.46 -0.25 22.11
C TYR A 232 40.98 -0.53 21.95
N LEU A 233 40.21 0.52 21.65
CA LEU A 233 38.79 0.39 21.37
C LEU A 233 38.52 0.88 19.96
N GLU A 234 37.89 0.04 19.15
CA GLU A 234 37.65 0.35 17.74
C GLU A 234 36.17 0.61 17.53
N CYS A 235 35.84 1.82 17.09
CA CYS A 235 34.47 2.17 16.71
C CYS A 235 34.29 2.24 15.20
N ASP A 236 35.37 2.16 14.44
CA ASP A 236 35.26 2.11 12.99
C ASP A 236 34.75 0.75 12.55
N LEU A 237 33.96 0.75 11.47
CA LEU A 237 33.38 -0.48 10.95
C LEU A 237 33.93 -0.87 9.58
N GLY A 238 34.43 0.08 8.79
CA GLY A 238 34.96 -0.25 7.48
C GLY A 238 36.47 -0.14 7.40
N GLN A 239 37.08 0.45 8.42
CA GLN A 239 38.53 0.59 8.49
C GLN A 239 39.07 -0.06 9.77
N THR A 240 38.55 -1.25 10.08
CA THR A 240 39.01 -1.99 11.24
C THR A 240 40.49 -2.35 11.09
N GLU A 241 41.21 -2.33 12.20
CA GLU A 241 42.64 -2.58 12.19
C GLU A 241 42.99 -4.02 12.54
N PHE A 242 42.49 -4.53 13.66
CA PHE A 242 42.86 -5.85 14.14
C PHE A 242 41.79 -6.91 13.88
N THR A 243 40.77 -6.59 13.08
CA THR A 243 39.63 -7.47 12.89
C THR A 243 39.22 -7.47 11.43
N PRO A 244 38.49 -8.51 10.98
CA PRO A 244 37.85 -8.43 9.67
C PRO A 244 36.76 -7.38 9.67
N PRO A 245 36.42 -6.82 8.51
CA PRO A 245 35.53 -5.66 8.49
C PRO A 245 34.17 -5.95 9.08
N GLY A 246 33.55 -4.91 9.64
CA GLY A 246 32.21 -5.00 10.18
C GLY A 246 32.11 -5.35 11.64
N CYS A 247 33.19 -5.27 12.39
CA CYS A 247 33.22 -5.71 13.78
C CYS A 247 33.63 -4.57 14.70
N ILE A 248 32.95 -4.47 15.84
CA ILE A 248 33.27 -3.48 16.87
C ILE A 248 33.91 -4.22 18.03
N SER A 249 35.15 -3.85 18.37
CA SER A 249 35.95 -4.62 19.29
C SER A 249 36.74 -3.72 20.22
N LEU A 250 37.11 -4.28 21.37
CA LEU A 250 38.02 -3.67 22.33
C LEU A 250 39.30 -4.50 22.28
N LEU A 251 40.22 -4.12 21.38
CA LEU A 251 41.40 -4.91 21.12
C LEU A 251 42.49 -4.62 22.15
N ASN A 252 43.51 -5.47 22.15
CA ASN A 252 44.61 -5.40 23.10
C ASN A 252 45.93 -5.49 22.32
N ILE A 253 46.95 -4.80 22.83
CA ILE A 253 48.25 -4.73 22.17
C ILE A 253 49.34 -5.09 23.16
N THR A 254 50.12 -6.13 22.83
CA THR A 254 51.36 -6.43 23.53
C THR A 254 52.56 -6.47 22.61
N GLU A 255 52.36 -6.38 21.30
CA GLU A 255 53.42 -6.35 20.30
C GLU A 255 53.22 -5.14 19.40
N PRO A 256 54.29 -4.46 19.00
CA PRO A 256 54.14 -3.22 18.23
C PRO A 256 53.49 -3.46 16.87
N VAL A 257 53.09 -2.36 16.25
CA VAL A 257 52.42 -2.36 14.96
C VAL A 257 53.38 -1.79 13.93
N LEU A 258 53.76 -2.61 12.95
CA LEU A 258 54.79 -2.26 11.98
C LEU A 258 54.36 -2.63 10.57
N GLY A 259 53.14 -2.27 10.20
CA GLY A 259 52.67 -2.56 8.86
C GLY A 259 51.21 -2.22 8.64
N PRO A 260 50.66 -2.71 7.52
CA PRO A 260 49.25 -2.42 7.20
C PRO A 260 48.33 -3.23 8.10
N PRO A 261 47.04 -2.85 8.16
CA PRO A 261 46.12 -3.53 9.08
C PRO A 261 45.89 -5.01 8.77
N PHE A 262 46.20 -5.48 7.56
CA PHE A 262 46.00 -6.89 7.25
C PHE A 262 47.13 -7.79 7.74
N THR A 263 47.99 -7.28 8.62
CA THR A 263 49.07 -8.07 9.19
C THR A 263 49.05 -8.15 10.71
N HIS A 264 48.24 -7.34 11.39
CA HIS A 264 48.14 -7.36 12.85
C HIS A 264 46.85 -8.01 13.32
N LEU A 265 46.41 -9.09 12.67
CA LEU A 265 45.18 -9.75 13.07
C LEU A 265 45.38 -10.40 14.44
N ARG A 266 44.75 -9.82 15.47
CA ARG A 266 44.82 -10.34 16.83
C ARG A 266 43.41 -10.64 17.33
N THR A 267 43.34 -11.44 18.39
CA THR A 267 42.07 -11.82 18.97
C THR A 267 41.55 -10.69 19.85
N PRO A 268 40.37 -10.14 19.58
CA PRO A 268 39.83 -9.07 20.43
C PRO A 268 39.51 -9.58 21.82
N GLN A 269 39.67 -8.69 22.81
CA GLN A 269 39.19 -9.00 24.15
C GLN A 269 37.67 -9.06 24.19
N LYS A 270 37.00 -8.09 23.56
CA LYS A 270 35.56 -8.10 23.37
C LYS A 270 35.29 -7.86 21.90
N MET A 271 34.18 -8.43 21.40
CA MET A 271 33.91 -8.41 19.98
C MET A 271 32.41 -8.48 19.74
N VAL A 272 31.92 -7.66 18.82
CA VAL A 272 30.52 -7.72 18.38
C VAL A 272 30.51 -7.64 16.85
N TYR A 273 29.79 -8.56 16.23
CA TYR A 273 29.72 -8.67 14.77
C TYR A 273 28.47 -7.92 14.31
N TYR A 274 28.64 -6.63 14.00
CA TYR A 274 27.53 -5.82 13.52
C TYR A 274 27.02 -6.36 12.18
N GLY A 275 27.87 -6.37 11.16
CA GLY A 275 27.53 -6.94 9.88
C GLY A 275 27.79 -6.03 8.70
N LYS A 276 27.55 -4.72 8.88
CA LYS A 276 27.73 -3.75 7.80
C LYS A 276 28.87 -2.81 8.15
N PRO A 277 29.79 -2.54 7.23
CA PRO A 277 30.88 -1.63 7.56
C PRO A 277 30.51 -0.16 7.37
N SER A 278 29.28 0.18 7.71
CA SER A 278 28.79 1.55 7.81
C SER A 278 27.38 1.51 8.37
N CYS A 279 27.08 2.28 9.42
CA CYS A 279 25.69 2.29 9.90
C CYS A 279 24.86 3.26 9.08
N LYS A 280 25.12 4.56 9.21
CA LYS A 280 24.65 5.62 8.31
C LYS A 280 23.13 5.69 8.19
N ASN A 281 22.41 4.79 8.86
CA ASN A 281 20.95 4.81 8.88
C ASN A 281 20.34 4.52 10.24
N ASN A 282 21.06 3.84 11.13
CA ASN A 282 20.52 3.28 12.37
C ASN A 282 21.38 3.73 13.55
N TYR A 283 21.59 5.05 13.69
CA TYR A 283 22.46 5.52 14.75
C TYR A 283 21.76 5.42 16.10
N GLU A 284 21.22 4.24 16.41
CA GLU A 284 20.72 3.93 17.74
C GLU A 284 21.05 2.49 18.14
N ASN A 285 21.75 1.75 17.28
CA ASN A 285 22.21 0.40 17.57
C ASN A 285 23.73 0.31 17.63
N TYR A 286 24.43 1.02 16.74
CA TYR A 286 25.87 1.13 16.86
C TYR A 286 26.26 1.84 18.16
N ILE A 287 25.51 2.88 18.54
CA ILE A 287 25.72 3.52 19.82
C ILE A 287 25.36 2.57 20.96
N ASP A 288 24.31 1.78 20.78
CA ASP A 288 23.95 0.79 21.78
C ASP A 288 24.96 -0.34 21.88
N ILE A 289 25.58 -0.73 20.76
CA ILE A 289 26.59 -1.78 20.80
C ILE A 289 27.85 -1.30 21.52
N VAL A 290 28.19 -0.01 21.40
CA VAL A 290 29.42 0.51 21.98
C VAL A 290 29.43 0.31 23.49
N LYS A 291 28.31 0.57 24.16
CA LYS A 291 28.25 0.37 25.61
C LYS A 291 28.45 -1.09 25.98
N TYR A 292 27.89 -2.00 25.18
CA TYR A 292 28.11 -3.43 25.43
C TYR A 292 29.59 -3.79 25.30
N VAL A 293 30.26 -3.22 24.29
CA VAL A 293 31.69 -3.46 24.13
C VAL A 293 32.49 -2.77 25.23
N PHE A 294 32.08 -1.55 25.60
CA PHE A 294 32.79 -0.80 26.64
C PHE A 294 32.68 -1.44 28.01
N SER A 295 31.70 -2.32 28.22
CA SER A 295 31.47 -2.93 29.53
C SER A 295 32.55 -3.93 29.92
N ALA A 296 33.55 -4.15 29.07
CA ALA A 296 34.65 -5.05 29.38
C ALA A 296 35.97 -4.31 29.58
N TYR A 297 35.90 -3.00 29.80
CA TYR A 297 37.10 -2.18 29.96
C TYR A 297 37.93 -2.62 31.17
N SER A 301 45.33 0.58 32.26
CA SER A 301 45.99 0.66 30.96
C SER A 301 45.35 1.74 30.09
N PRO A 302 46.18 2.59 29.49
CA PRO A 302 45.63 3.65 28.63
C PRO A 302 44.86 3.07 27.46
N LEU A 303 43.79 3.76 27.08
CA LEU A 303 42.88 3.28 26.06
C LEU A 303 42.83 4.27 24.90
N ILE A 304 43.05 3.77 23.69
CA ILE A 304 42.90 4.56 22.47
C ILE A 304 41.56 4.20 21.83
N VAL A 305 40.80 5.22 21.45
CA VAL A 305 39.48 5.05 20.85
C VAL A 305 39.54 5.60 19.44
N ASN A 306 39.37 4.73 18.44
CA ASN A 306 39.25 5.17 17.07
C ASN A 306 37.78 5.41 16.74
N THR A 307 37.51 6.48 16.00
CA THR A 307 36.16 6.83 15.61
C THR A 307 36.09 7.06 14.11
N MET A 308 34.90 6.87 13.55
CA MET A 308 34.67 6.96 12.11
C MET A 308 35.05 8.34 11.57
N LEU A 318 25.80 11.65 17.36
CA LEU A 318 26.85 10.73 16.96
C LEU A 318 28.22 11.21 17.45
N LEU A 319 28.77 12.21 16.76
CA LEU A 319 30.09 12.71 17.12
C LEU A 319 30.10 13.31 18.51
N ILE A 320 29.08 14.09 18.86
CA ILE A 320 28.99 14.67 20.19
C ILE A 320 28.79 13.58 21.23
N ASP A 321 27.90 12.62 20.95
CA ASP A 321 27.69 11.51 21.88
C ASP A 321 28.90 10.62 21.99
N LEU A 322 29.68 10.47 20.90
CA LEU A 322 30.88 9.66 20.96
C LEU A 322 31.90 10.21 21.94
N ILE A 323 31.96 11.53 22.08
CA ILE A 323 32.81 12.13 23.10
C ILE A 323 32.31 11.77 24.50
N ARG A 324 31.00 11.80 24.72
CA ARG A 324 30.41 11.42 25.98
C ARG A 324 30.31 9.89 26.07
N LEU A 325 29.65 9.40 27.10
CA LEU A 325 29.34 7.99 27.34
C LEU A 325 30.56 7.14 27.65
N LEU A 326 31.77 7.70 27.61
CA LEU A 326 32.98 6.95 27.90
C LEU A 326 33.83 7.57 29.00
N SER A 327 33.47 8.76 29.49
CA SER A 327 34.28 9.50 30.44
C SER A 327 35.72 9.66 29.95
N PRO A 328 35.93 10.29 28.81
CA PRO A 328 37.28 10.36 28.24
C PRO A 328 38.14 11.37 28.97
N SER A 329 39.46 11.23 28.77
CA SER A 329 40.44 12.17 29.30
C SER A 329 41.28 12.81 28.20
N HIS A 330 40.89 12.65 26.94
CA HIS A 330 41.68 13.17 25.82
C HIS A 330 40.78 13.31 24.61
N VAL A 331 41.02 14.36 23.83
CA VAL A 331 40.21 14.67 22.65
C VAL A 331 41.17 14.84 21.48
N VAL A 332 42.26 14.06 21.49
CA VAL A 332 43.21 14.10 20.39
C VAL A 332 42.47 13.92 19.07
N GLN A 333 42.85 14.70 18.07
CA GLN A 333 42.06 14.81 16.85
C GLN A 333 42.79 14.38 15.60
N PHE A 334 44.02 14.88 15.39
CA PHE A 334 44.83 14.50 14.23
C PHE A 334 44.10 14.75 12.92
N ARG A 335 43.46 15.91 12.82
CA ARG A 335 42.76 16.31 11.59
C ARG A 335 43.59 17.28 10.78
N GLY A 393 36.20 14.89 31.05
CA GLY A 393 37.42 15.46 30.51
C GLY A 393 37.35 15.77 29.04
N HIS A 394 37.76 16.97 28.66
CA HIS A 394 37.76 17.41 27.26
C HIS A 394 39.06 18.11 26.94
N LYS A 395 40.18 17.52 27.36
CA LYS A 395 41.49 18.08 27.06
C LYS A 395 41.83 17.88 25.59
N LEU A 396 41.55 18.89 24.77
CA LEU A 396 41.71 18.78 23.32
C LEU A 396 43.12 19.16 22.91
N ILE A 397 43.76 18.29 22.13
CA ILE A 397 45.09 18.51 21.57
C ILE A 397 44.99 18.42 20.06
N GLY A 398 43.89 18.92 19.50
CA GLY A 398 43.55 18.65 18.12
C GLY A 398 44.46 19.30 17.10
N VAL A 399 45.70 18.80 17.01
CA VAL A 399 46.66 19.32 16.05
C VAL A 399 46.12 19.18 14.62
N TYR A 400 46.69 19.99 13.73
CA TYR A 400 46.33 19.98 12.32
C TYR A 400 47.48 19.37 11.51
N THR A 401 47.15 18.40 10.67
CA THR A 401 48.15 17.73 9.85
C THR A 401 47.68 17.59 8.41
N ARG A 412 38.70 5.67 -4.80
CA ARG A 412 38.60 5.61 -3.36
C ARG A 412 37.72 4.44 -2.91
N GLU A 413 36.71 4.13 -3.71
CA GLU A 413 35.80 3.03 -3.41
C GLU A 413 36.30 1.68 -3.91
N SER A 414 37.43 1.66 -4.61
CA SER A 414 38.05 0.41 -5.03
C SER A 414 39.29 0.06 -4.22
N HIS A 415 40.07 1.05 -3.80
CA HIS A 415 41.20 0.80 -2.93
C HIS A 415 40.77 0.52 -1.50
N ASN A 416 39.62 1.04 -1.07
CA ASN A 416 39.09 0.77 0.25
C ASN A 416 38.25 -0.50 0.30
N LYS A 417 38.05 -1.17 -0.83
CA LYS A 417 37.36 -2.45 -0.88
C LYS A 417 38.32 -3.61 -1.12
N ILE A 418 39.60 -3.34 -1.34
CA ILE A 418 40.62 -4.37 -1.46
C ILE A 418 41.18 -4.64 -0.08
N LEU A 419 41.41 -3.59 0.69
CA LEU A 419 41.91 -3.74 2.06
C LEU A 419 40.88 -4.32 3.00
N ARG A 420 39.60 -4.36 2.60
CA ARG A 420 38.58 -5.03 3.39
C ARG A 420 38.49 -6.52 3.08
N ASP A 421 38.76 -6.92 1.83
CA ASP A 421 38.84 -8.33 1.48
C ASP A 421 40.21 -8.92 1.74
N LEU A 422 41.26 -8.10 1.79
CA LEU A 422 42.58 -8.60 2.18
C LEU A 422 42.61 -9.03 3.64
N SER A 423 41.86 -8.33 4.51
CA SER A 423 41.79 -8.74 5.91
C SER A 423 41.01 -10.03 6.07
N ILE A 424 39.95 -10.21 5.28
CA ILE A 424 39.20 -11.47 5.32
C ILE A 424 40.06 -12.62 4.82
N LEU A 425 40.79 -12.40 3.72
CA LEU A 425 41.72 -13.42 3.24
C LEU A 425 42.83 -13.72 4.23
N SER A 426 43.18 -12.76 5.09
CA SER A 426 44.14 -13.02 6.14
C SER A 426 43.55 -13.84 7.28
N TYR A 427 42.26 -13.71 7.55
CA TYR A 427 41.64 -14.57 8.54
C TYR A 427 41.55 -16.02 8.07
N LEU A 428 41.32 -16.22 6.77
CA LEU A 428 41.25 -17.57 6.21
C LEU A 428 42.62 -18.18 5.99
N SER A 429 43.69 -17.39 6.11
CA SER A 429 45.05 -17.90 5.96
C SER A 429 45.52 -18.67 7.18
N GLN A 430 44.76 -18.65 8.28
CA GLN A 430 45.09 -19.43 9.46
C GLN A 430 44.70 -20.89 9.34
N LEU A 431 43.99 -21.26 8.27
CA LEU A 431 43.66 -22.66 8.01
C LEU A 431 44.78 -23.42 7.34
N GLN A 432 45.71 -22.73 6.68
CA GLN A 432 46.82 -23.39 6.01
C GLN A 432 47.74 -24.03 7.04
N PRO A 433 48.43 -25.13 6.67
CA PRO A 433 49.39 -25.81 7.55
C PRO A 433 50.50 -24.89 8.04
N SER A 440 47.53 -26.23 1.00
CA SER A 440 46.23 -26.88 1.05
C SER A 440 45.15 -26.00 0.41
N PRO A 441 44.47 -26.53 -0.60
CA PRO A 441 43.38 -25.77 -1.22
C PRO A 441 42.28 -25.47 -0.21
N LEU A 442 41.60 -24.34 -0.42
CA LEU A 442 40.62 -23.87 0.56
C LEU A 442 39.43 -24.82 0.66
N HIS A 443 39.09 -25.52 -0.42
CA HIS A 443 38.01 -26.50 -0.36
C HIS A 443 38.50 -27.90 -0.03
N SER A 444 39.80 -28.09 0.14
CA SER A 444 40.36 -29.42 0.38
C SER A 444 40.51 -29.77 1.86
N LEU A 445 40.51 -28.77 2.75
CA LEU A 445 40.64 -29.06 4.16
C LEU A 445 39.38 -29.76 4.68
N THR A 446 39.59 -30.66 5.63
CA THR A 446 38.48 -31.39 6.22
C THR A 446 37.66 -30.44 7.09
N PRO A 447 36.37 -30.25 6.81
CA PRO A 447 35.56 -29.33 7.60
C PRO A 447 34.94 -30.04 8.80
N TYR A 448 34.32 -29.25 9.66
CA TYR A 448 33.56 -29.79 10.78
C TYR A 448 32.16 -30.13 10.28
N GLN A 449 31.27 -30.51 11.19
CA GLN A 449 29.88 -30.74 10.84
C GLN A 449 29.03 -30.69 12.10
N VAL A 450 27.82 -30.16 11.97
CA VAL A 450 26.87 -30.12 13.07
C VAL A 450 25.46 -30.24 12.49
N PRO A 451 24.62 -31.14 12.99
CA PRO A 451 23.28 -31.31 12.43
C PRO A 451 22.44 -30.04 12.60
N PHE A 452 21.29 -30.03 11.93
CA PHE A 452 20.43 -28.84 11.96
C PHE A 452 19.56 -28.79 13.21
N ASN A 453 20.13 -29.05 14.37
CA ASN A 453 19.38 -28.89 15.61
C ASN A 453 20.22 -28.39 16.78
N ALA A 454 21.52 -28.11 16.57
CA ALA A 454 22.38 -27.67 17.64
C ALA A 454 22.98 -26.29 17.43
N VAL A 455 22.82 -25.71 16.24
CA VAL A 455 23.32 -24.38 15.93
C VAL A 455 22.17 -23.53 15.39
N ALA A 456 21.95 -22.37 15.99
CA ALA A 456 20.91 -21.46 15.54
C ALA A 456 21.38 -20.66 14.33
N LEU A 457 20.43 -20.12 13.59
CA LEU A 457 20.71 -19.39 12.36
C LEU A 457 19.96 -18.08 12.36
N ARG A 458 20.65 -16.99 12.05
CA ARG A 458 20.01 -15.69 11.88
C ARG A 458 20.66 -14.95 10.72
N ILE A 459 19.83 -14.34 9.87
CA ILE A 459 20.32 -13.56 8.75
C ILE A 459 20.16 -12.09 9.07
N THR A 460 21.20 -11.49 9.64
CA THR A 460 21.18 -10.07 9.96
C THR A 460 21.28 -9.24 8.68
N HIS A 461 20.61 -8.09 8.69
CA HIS A 461 20.66 -7.13 7.59
C HIS A 461 20.08 -7.72 6.30
N SER A 462 18.88 -8.28 6.41
CA SER A 462 18.10 -8.77 5.27
C SER A 462 16.76 -9.28 5.78
N ASP A 463 15.86 -9.59 4.84
CA ASP A 463 14.56 -10.20 5.13
C ASP A 463 14.40 -11.41 4.21
N VAL A 464 14.86 -12.58 4.68
CA VAL A 464 14.82 -13.81 3.91
C VAL A 464 13.64 -14.63 4.38
N ALA A 465 12.86 -15.15 3.42
CA ALA A 465 11.69 -15.95 3.75
C ALA A 465 12.11 -17.18 4.55
N PRO A 466 11.41 -17.50 5.65
CA PRO A 466 11.91 -18.56 6.54
C PRO A 466 12.08 -19.92 5.87
N THR A 467 11.20 -20.28 4.93
CA THR A 467 11.34 -21.56 4.26
C THR A 467 12.60 -21.60 3.40
N HIS A 468 12.88 -20.53 2.67
CA HIS A 468 14.05 -20.46 1.80
C HIS A 468 15.21 -19.77 2.51
N ILE A 469 15.61 -20.33 3.65
CA ILE A 469 16.71 -19.77 4.43
C ILE A 469 18.00 -20.57 4.30
N LEU A 470 17.94 -21.83 3.88
CA LEU A 470 19.17 -22.60 3.75
C LEU A 470 19.97 -22.25 2.52
N TYR A 471 19.41 -21.49 1.59
CA TYR A 471 20.18 -21.03 0.44
C TYR A 471 20.98 -19.76 0.74
N ALA A 472 20.60 -19.02 1.78
CA ALA A 472 21.38 -17.87 2.20
C ALA A 472 22.58 -18.26 3.07
N VAL A 473 22.66 -19.52 3.49
CA VAL A 473 23.72 -20.02 4.36
C VAL A 473 24.53 -21.11 3.67
N ASN A 474 24.46 -21.20 2.35
CA ASN A 474 25.23 -22.17 1.58
C ASN A 474 26.39 -21.45 0.89
N ALA A 475 27.60 -21.95 1.11
CA ALA A 475 28.82 -21.35 0.57
C ALA A 475 28.90 -19.87 0.92
N SER A 476 28.78 -19.57 2.21
CA SER A 476 28.70 -18.21 2.71
C SER A 476 29.84 -17.94 3.69
N TRP A 477 29.84 -16.73 4.24
CA TRP A 477 30.82 -16.30 5.24
C TRP A 477 30.02 -15.93 6.49
N VAL A 478 29.97 -16.86 7.45
CA VAL A 478 29.16 -16.71 8.65
C VAL A 478 30.07 -16.40 9.82
N GLY A 479 29.52 -15.69 10.81
CA GLY A 479 30.25 -15.40 12.02
C GLY A 479 29.90 -16.36 13.14
N LEU A 480 30.85 -17.19 13.54
CA LEU A 480 30.60 -18.24 14.54
C LEU A 480 30.44 -17.60 15.91
N CYS A 481 29.27 -16.99 16.11
CA CYS A 481 29.00 -16.22 17.31
C CYS A 481 28.66 -17.15 18.47
N LYS A 482 28.21 -16.58 19.59
CA LYS A 482 27.89 -17.35 20.78
C LYS A 482 26.65 -16.76 21.44
N ILE A 483 25.76 -17.63 21.90
CA ILE A 483 24.60 -17.20 22.66
C ILE A 483 24.15 -18.34 23.57
N THR A 491 17.25 -32.45 14.00
CA THR A 491 16.01 -33.01 13.46
C THR A 491 15.38 -32.04 12.48
N ASN A 492 14.54 -31.14 13.00
CA ASN A 492 13.92 -30.12 12.16
C ASN A 492 14.99 -29.17 11.64
N GLY A 493 15.02 -28.96 10.34
CA GLY A 493 16.09 -28.21 9.70
C GLY A 493 16.37 -26.86 10.33
N PRO A 494 15.46 -25.91 10.15
CA PRO A 494 15.69 -24.57 10.69
C PRO A 494 15.31 -24.44 12.16
N ILE A 495 16.15 -23.71 12.89
CA ILE A 495 15.92 -23.39 14.28
C ILE A 495 16.06 -21.87 14.42
N LEU A 496 15.66 -21.16 13.36
CA LEU A 496 15.90 -19.73 13.22
C LEU A 496 15.42 -18.95 14.43
N LEU A 497 16.06 -17.81 14.67
CA LEU A 497 15.71 -16.91 15.75
C LEU A 497 14.59 -15.98 15.30
N ALA A 498 14.32 -14.94 16.10
CA ALA A 498 13.34 -13.92 15.74
C ALA A 498 13.88 -12.49 15.86
N GLN A 499 14.86 -12.23 16.70
CA GLN A 499 15.45 -10.91 16.86
C GLN A 499 16.97 -11.02 16.83
N THR A 500 17.63 -9.93 16.43
CA THR A 500 19.08 -9.92 16.36
C THR A 500 19.67 -9.74 17.74
N PRO A 501 20.47 -10.68 18.24
CA PRO A 501 21.03 -10.54 19.58
C PRO A 501 22.34 -9.76 19.57
N ILE A 502 22.62 -9.13 20.71
CA ILE A 502 23.93 -8.50 20.93
C ILE A 502 24.80 -9.58 21.57
N CYS A 503 25.41 -10.40 20.73
CA CYS A 503 26.18 -11.56 21.17
C CYS A 503 27.66 -11.17 21.29
N ASP A 504 28.51 -12.18 21.45
CA ASP A 504 29.96 -12.00 21.52
C ASP A 504 30.58 -12.91 20.47
N CYS A 505 30.92 -12.35 19.31
CA CYS A 505 31.48 -13.16 18.23
C CYS A 505 32.84 -13.71 18.62
N LEU A 506 33.09 -14.97 18.30
CA LEU A 506 34.31 -15.67 18.66
C LEU A 506 35.18 -16.00 17.46
N GLY A 507 34.70 -15.80 16.25
CA GLY A 507 35.46 -16.15 15.08
C GLY A 507 34.60 -16.10 13.83
N PHE A 508 35.17 -16.59 12.74
CA PHE A 508 34.48 -16.59 11.45
C PHE A 508 34.73 -17.91 10.75
N GLY A 509 33.69 -18.45 10.11
CA GLY A 509 33.80 -19.72 9.42
C GLY A 509 33.05 -19.71 8.11
N ILE A 510 33.24 -20.78 7.34
CA ILE A 510 32.64 -20.94 6.03
C ILE A 510 31.78 -22.20 6.06
N CYS A 511 30.53 -22.07 5.61
CA CYS A 511 29.63 -23.22 5.47
C CYS A 511 29.74 -23.73 4.04
N ARG A 512 30.54 -24.77 3.84
CA ARG A 512 30.85 -25.22 2.48
C ARG A 512 29.64 -25.81 1.77
N GLY A 513 28.74 -26.45 2.51
CA GLY A 513 27.57 -27.05 1.90
C GLY A 513 26.62 -27.66 2.90
N ILE A 514 25.35 -27.74 2.54
CA ILE A 514 24.32 -28.33 3.40
C ILE A 514 23.36 -29.15 2.56
N ASP A 515 23.52 -30.48 2.60
CA ASP A 515 22.70 -31.39 1.82
C ASP A 515 21.56 -31.92 2.68
N MET A 516 20.36 -31.93 2.13
CA MET A 516 19.19 -32.41 2.84
C MET A 516 18.74 -33.76 2.30
N LEU A 520 23.66 -31.57 7.08
CA LEU A 520 24.79 -31.31 7.98
C LEU A 520 25.45 -29.98 7.65
N TYR A 521 25.66 -29.16 8.68
CA TYR A 521 26.34 -27.87 8.52
C TYR A 521 27.84 -28.13 8.47
N HIS A 522 28.37 -28.34 7.27
CA HIS A 522 29.79 -28.60 7.08
C HIS A 522 30.54 -27.27 7.15
N ILE A 523 30.93 -26.89 8.36
CA ILE A 523 31.52 -25.59 8.62
C ILE A 523 33.03 -25.67 8.52
N LEU A 524 33.60 -24.90 7.61
CA LEU A 524 35.06 -24.77 7.48
C LEU A 524 35.46 -23.55 8.31
N THR A 525 36.06 -23.79 9.48
CA THR A 525 36.31 -22.70 10.42
C THR A 525 37.77 -22.72 10.88
N PRO A 526 38.45 -21.57 10.87
CA PRO A 526 39.80 -21.48 11.45
C PRO A 526 39.86 -21.24 12.94
N VAL A 527 38.71 -21.14 13.61
CA VAL A 527 38.73 -20.98 15.08
C VAL A 527 39.37 -22.21 15.70
N PRO A 528 40.15 -22.08 16.77
CA PRO A 528 40.76 -23.26 17.39
C PRO A 528 39.71 -24.26 17.85
N PRO A 529 40.01 -25.56 17.76
CA PRO A 529 39.00 -26.57 18.09
C PRO A 529 38.48 -26.48 19.52
N GLU A 530 39.29 -25.94 20.44
CA GLU A 530 38.82 -25.78 21.82
C GLU A 530 37.65 -24.82 21.90
N GLU A 531 37.63 -23.78 21.06
CA GLU A 531 36.59 -22.77 21.10
C GLU A 531 35.38 -23.12 20.24
N LEU A 532 35.45 -24.18 19.43
CA LEU A 532 34.32 -24.55 18.58
C LEU A 532 33.13 -25.03 19.41
N ARG A 533 33.40 -25.71 20.54
CA ARG A 533 32.32 -26.29 21.32
C ARG A 533 31.36 -25.22 21.84
N THR A 534 31.87 -24.04 22.17
CA THR A 534 31.00 -22.96 22.66
C THR A 534 30.20 -22.32 21.55
N VAL A 535 30.56 -22.56 20.28
CA VAL A 535 29.85 -21.96 19.16
C VAL A 535 28.49 -22.64 19.02
N ASN A 536 27.42 -21.85 19.09
CA ASN A 536 26.08 -22.38 18.95
C ASN A 536 25.16 -21.50 18.12
N CYS A 537 25.65 -20.40 17.54
CA CYS A 537 24.84 -19.52 16.72
C CYS A 537 25.63 -19.07 15.51
N LEU A 538 24.94 -18.93 14.38
CA LEU A 538 25.52 -18.37 13.17
C LEU A 538 24.72 -17.14 12.76
N LEU A 539 25.42 -16.07 12.43
CA LEU A 539 24.82 -14.79 12.07
C LEU A 539 25.41 -14.35 10.74
N VAL A 540 24.59 -14.31 9.71
CA VAL A 540 25.02 -13.84 8.39
C VAL A 540 24.73 -12.35 8.29
N GLY A 541 25.70 -11.60 7.79
CA GLY A 541 25.56 -10.16 7.66
C GLY A 541 25.94 -9.67 6.27
N ALA A 542 26.15 -8.37 6.13
CA ALA A 542 26.50 -7.83 4.82
C ALA A 542 27.99 -7.95 4.55
N ILE A 543 28.53 -9.15 4.77
CA ILE A 543 29.94 -9.44 4.53
C ILE A 543 30.03 -10.85 3.97
N ALA A 544 30.37 -10.97 2.69
CA ALA A 544 30.40 -12.25 2.00
C ALA A 544 31.84 -12.68 1.76
N ILE A 545 31.99 -13.93 1.30
CA ILE A 545 33.34 -14.43 1.00
C ILE A 545 33.93 -13.60 -0.14
N PRO A 546 35.21 -13.28 -0.11
CA PRO A 546 35.82 -12.63 -1.27
C PRO A 546 35.63 -13.49 -2.51
N HIS A 547 35.35 -12.83 -3.63
CA HIS A 547 35.00 -13.56 -4.85
C HIS A 547 36.14 -14.46 -5.30
N CYS A 548 37.39 -14.08 -5.02
CA CYS A 548 38.52 -14.92 -5.39
C CYS A 548 38.49 -16.27 -4.70
N VAL A 549 37.91 -16.34 -3.50
CA VAL A 549 37.78 -17.63 -2.81
C VAL A 549 36.74 -18.50 -3.51
N LEU A 550 35.59 -17.92 -3.88
CA LEU A 550 34.54 -18.68 -4.55
C LEU A 550 34.85 -18.91 -6.02
N LYS A 551 35.73 -18.12 -6.62
CA LYS A 551 36.02 -18.25 -8.04
C LYS A 551 36.92 -19.45 -8.29
N CYS A 552 37.49 -19.56 -9.49
CA CYS A 552 38.22 -20.75 -9.91
C CYS A 552 39.32 -21.13 -8.93
N GLN A 553 39.18 -22.31 -8.33
CA GLN A 553 40.19 -22.89 -7.45
C GLN A 553 40.97 -23.97 -8.20
N ARG A 554 42.20 -24.20 -7.76
CA ARG A 554 43.06 -25.20 -8.37
C ARG A 554 43.58 -26.19 -7.34
N CYS B 199 -41.03 2.50 -39.96
CA CYS B 199 -40.64 3.12 -38.70
C CYS B 199 -39.12 3.19 -38.57
N PRO B 200 -38.49 4.08 -39.33
CA PRO B 200 -37.03 4.20 -39.27
C PRO B 200 -36.57 4.68 -37.90
N VAL B 201 -35.43 4.16 -37.45
CA VAL B 201 -34.85 4.59 -36.19
C VAL B 201 -33.98 5.82 -36.43
N ILE B 202 -34.23 6.88 -35.67
CA ILE B 202 -33.55 8.15 -35.84
C ILE B 202 -32.56 8.33 -34.70
N LEU B 203 -31.33 8.69 -35.04
CA LEU B 203 -30.26 8.93 -34.08
C LEU B 203 -29.88 10.41 -34.10
N VAL B 204 -29.20 10.85 -33.05
CA VAL B 204 -28.70 12.22 -32.95
C VAL B 204 -27.27 12.19 -32.47
N CYS B 205 -26.40 12.92 -33.16
CA CYS B 205 -24.99 13.02 -32.79
C CYS B 205 -24.59 14.48 -32.82
N GLY B 206 -24.20 15.02 -31.67
CA GLY B 206 -23.84 16.42 -31.60
C GLY B 206 -23.03 16.73 -30.38
N SER B 207 -22.37 17.89 -30.40
CA SER B 207 -21.55 18.36 -29.32
C SER B 207 -22.32 19.41 -28.51
N GLN B 208 -21.64 20.07 -27.58
CA GLN B 208 -22.28 21.09 -26.76
C GLN B 208 -22.69 22.28 -27.61
N ASP B 209 -23.86 22.84 -27.29
CA ASP B 209 -24.38 24.04 -27.94
C ASP B 209 -24.53 23.86 -29.46
N VAL B 210 -25.38 22.90 -29.82
CA VAL B 210 -25.71 22.68 -31.24
C VAL B 210 -27.20 22.68 -31.51
N GLY B 211 -28.06 22.54 -30.50
CA GLY B 211 -29.49 22.54 -30.72
C GLY B 211 -30.12 21.18 -30.91
N LYS B 212 -29.55 20.13 -30.31
CA LYS B 212 -30.09 18.79 -30.50
C LYS B 212 -31.39 18.59 -29.73
N SER B 213 -31.47 19.11 -28.51
CA SER B 213 -32.70 18.98 -27.73
C SER B 213 -33.85 19.73 -28.38
N THR B 214 -33.58 20.95 -28.86
CA THR B 214 -34.59 21.69 -29.59
C THR B 214 -34.98 20.97 -30.87
N PHE B 215 -34.02 20.30 -31.52
CA PHE B 215 -34.36 19.50 -32.70
C PHE B 215 -35.30 18.37 -32.33
N ASN B 216 -35.04 17.67 -31.22
CA ASN B 216 -35.93 16.60 -30.80
C ASN B 216 -37.33 17.12 -30.53
N ARG B 217 -37.42 18.26 -29.83
CA ARG B 217 -38.72 18.84 -29.53
C ARG B 217 -39.47 19.20 -30.81
N TYR B 218 -38.79 19.88 -31.73
CA TYR B 218 -39.45 20.31 -32.97
C TYR B 218 -39.85 19.11 -33.83
N LEU B 219 -38.99 18.09 -33.91
CA LEU B 219 -39.28 16.91 -34.71
C LEU B 219 -40.47 16.14 -34.14
N ILE B 220 -40.52 15.97 -32.82
CA ILE B 220 -41.66 15.29 -32.22
C ILE B 220 -42.93 16.09 -32.44
N ASN B 221 -42.84 17.42 -32.31
CA ASN B 221 -44.01 18.26 -32.53
C ASN B 221 -44.53 18.12 -33.96
N HIS B 222 -43.61 18.13 -34.94
CA HIS B 222 -44.02 17.98 -36.34
C HIS B 222 -44.60 16.60 -36.60
N LEU B 223 -43.98 15.55 -36.05
CA LEU B 223 -44.44 14.19 -36.30
C LEU B 223 -45.79 13.92 -35.65
N LEU B 224 -46.10 14.58 -34.54
CA LEU B 224 -47.36 14.32 -33.85
C LEU B 224 -48.58 14.79 -34.65
N ASN B 225 -48.37 15.58 -35.70
CA ASN B 225 -49.49 15.98 -36.55
C ASN B 225 -49.96 14.83 -37.44
N SER B 226 -49.02 14.19 -38.15
CA SER B 226 -49.38 13.10 -39.05
C SER B 226 -49.49 11.77 -38.32
N LEU B 227 -48.41 11.32 -37.70
CA LEU B 227 -48.40 10.04 -37.02
C LEU B 227 -49.06 10.16 -35.64
N PRO B 228 -49.74 9.11 -35.18
CA PRO B 228 -50.42 9.21 -33.87
C PRO B 228 -49.46 9.17 -32.69
N CYS B 229 -48.46 8.30 -32.71
CA CYS B 229 -47.56 8.13 -31.58
C CYS B 229 -46.12 8.07 -32.07
N VAL B 230 -45.20 8.47 -31.20
CA VAL B 230 -43.77 8.44 -31.49
C VAL B 230 -43.05 7.93 -30.24
N ASP B 231 -42.00 7.13 -30.47
CA ASP B 231 -41.20 6.56 -29.38
C ASP B 231 -39.90 7.33 -29.24
N TYR B 232 -39.39 7.36 -28.02
CA TYR B 232 -38.21 8.15 -27.66
C TYR B 232 -37.26 7.31 -26.82
N LEU B 233 -35.98 7.33 -27.17
CA LEU B 233 -34.94 6.67 -26.39
C LEU B 233 -33.94 7.73 -25.94
N GLU B 234 -33.66 7.77 -24.65
CA GLU B 234 -32.78 8.77 -24.06
C GLU B 234 -31.51 8.11 -23.57
N CYS B 235 -30.37 8.49 -24.17
CA CYS B 235 -29.07 8.03 -23.72
C CYS B 235 -28.33 9.10 -22.92
N ASP B 236 -28.85 10.31 -22.86
CA ASP B 236 -28.27 11.34 -22.02
C ASP B 236 -28.57 11.07 -20.55
N LEU B 237 -27.61 11.39 -19.70
CA LEU B 237 -27.75 11.17 -18.27
C LEU B 237 -27.83 12.46 -17.45
N GLY B 238 -27.33 13.57 -17.97
CA GLY B 238 -27.37 14.82 -17.24
C GLY B 238 -28.33 15.83 -17.85
N GLN B 239 -28.79 15.56 -19.07
CA GLN B 239 -29.74 16.42 -19.75
C GLN B 239 -31.00 15.64 -20.12
N THR B 240 -31.49 14.82 -19.18
CA THR B 240 -32.70 14.05 -19.41
C THR B 240 -33.88 14.97 -19.62
N GLU B 241 -34.79 14.58 -20.52
CA GLU B 241 -35.94 15.40 -20.86
C GLU B 241 -37.19 15.04 -20.06
N PHE B 242 -37.58 13.76 -20.05
CA PHE B 242 -38.82 13.35 -19.42
C PHE B 242 -38.62 12.71 -18.05
N THR B 243 -37.42 12.78 -17.49
CA THR B 243 -37.07 12.05 -16.29
C THR B 243 -36.21 12.90 -15.38
N PRO B 244 -36.15 12.58 -14.08
CA PRO B 244 -35.15 13.21 -13.22
C PRO B 244 -33.76 12.77 -13.63
N PRO B 245 -32.74 13.57 -13.33
CA PRO B 245 -31.40 13.31 -13.88
C PRO B 245 -30.85 11.97 -13.43
N GLY B 246 -30.00 11.39 -14.29
CA GLY B 246 -29.31 10.16 -13.98
C GLY B 246 -29.99 8.89 -14.42
N CYS B 247 -30.98 8.97 -15.31
CA CYS B 247 -31.79 7.83 -15.70
C CYS B 247 -31.73 7.61 -17.20
N ILE B 248 -31.63 6.34 -17.59
CA ILE B 248 -31.64 5.94 -19.00
C ILE B 248 -32.97 5.26 -19.28
N SER B 249 -33.73 5.79 -20.23
CA SER B 249 -35.12 5.39 -20.38
C SER B 249 -35.52 5.40 -21.85
N LEU B 250 -36.59 4.64 -22.13
CA LEU B 250 -37.25 4.62 -23.43
C LEU B 250 -38.62 5.25 -23.24
N LEU B 251 -38.68 6.57 -23.42
CA LEU B 251 -39.90 7.33 -23.18
C LEU B 251 -40.86 7.22 -24.37
N ASN B 252 -42.09 7.64 -24.13
CA ASN B 252 -43.15 7.59 -25.13
C ASN B 252 -43.83 8.95 -25.13
N ILE B 253 -44.26 9.41 -26.31
CA ILE B 253 -44.88 10.71 -26.48
C ILE B 253 -46.24 10.53 -27.13
N THR B 254 -47.29 11.02 -26.46
CA THR B 254 -48.61 11.13 -27.05
C THR B 254 -49.16 12.55 -27.00
N GLU B 255 -48.48 13.48 -26.32
CA GLU B 255 -48.85 14.87 -26.23
C GLU B 255 -47.66 15.73 -26.61
N PRO B 256 -47.88 16.83 -27.34
CA PRO B 256 -46.74 17.62 -27.83
C PRO B 256 -45.93 18.24 -26.70
N VAL B 257 -44.72 18.65 -27.03
CA VAL B 257 -43.78 19.25 -26.10
C VAL B 257 -43.72 20.74 -26.39
N LEU B 258 -44.13 21.55 -25.41
CA LEU B 258 -44.25 23.00 -25.58
C LEU B 258 -43.64 23.74 -24.40
N GLY B 259 -42.44 23.33 -24.00
CA GLY B 259 -41.77 24.00 -22.91
C GLY B 259 -40.47 23.35 -22.50
N PRO B 260 -39.91 23.79 -21.38
CA PRO B 260 -38.63 23.24 -20.90
C PRO B 260 -38.80 21.84 -20.38
N PRO B 261 -37.70 21.09 -20.21
CA PRO B 261 -37.82 19.68 -19.78
C PRO B 261 -38.44 19.48 -18.41
N PHE B 262 -38.49 20.49 -17.55
CA PHE B 262 -39.06 20.31 -16.23
C PHE B 262 -40.58 20.51 -16.20
N THR B 263 -41.25 20.49 -17.35
CA THR B 263 -42.69 20.68 -17.40
C THR B 263 -43.45 19.52 -18.02
N HIS B 264 -42.82 18.68 -18.85
CA HIS B 264 -43.49 17.56 -19.47
C HIS B 264 -43.01 16.21 -18.96
N LEU B 265 -42.79 16.07 -17.66
CA LEU B 265 -42.38 14.79 -17.08
C LEU B 265 -43.45 13.72 -17.31
N ARG B 266 -43.04 12.61 -17.92
CA ARG B 266 -43.91 11.47 -18.18
C ARG B 266 -43.32 10.21 -17.57
N THR B 267 -44.09 9.12 -17.61
CA THR B 267 -43.65 7.85 -17.08
C THR B 267 -42.96 7.05 -18.18
N PRO B 268 -41.68 6.70 -18.01
CA PRO B 268 -40.98 5.95 -19.05
C PRO B 268 -41.58 4.57 -19.25
N GLN B 269 -41.54 4.10 -20.49
CA GLN B 269 -41.92 2.72 -20.77
C GLN B 269 -40.94 1.75 -20.13
N LYS B 270 -39.64 2.02 -20.29
CA LYS B 270 -38.58 1.27 -19.63
C LYS B 270 -37.62 2.27 -19.00
N MET B 271 -37.13 1.95 -17.81
CA MET B 271 -36.34 2.90 -17.03
C MET B 271 -35.23 2.16 -16.29
N VAL B 272 -34.04 2.76 -16.26
CA VAL B 272 -32.93 2.25 -15.47
C VAL B 272 -32.28 3.42 -14.75
N TYR B 273 -32.11 3.28 -13.43
CA TYR B 273 -31.55 4.32 -12.58
C TYR B 273 -30.05 4.08 -12.45
N TYR B 274 -29.29 4.66 -13.38
CA TYR B 274 -27.83 4.52 -13.34
C TYR B 274 -27.27 5.16 -12.08
N GLY B 275 -27.68 6.39 -11.78
CA GLY B 275 -27.25 7.06 -10.58
C GLY B 275 -26.41 8.29 -10.83
N LYS B 276 -25.48 8.21 -11.79
CA LYS B 276 -24.55 9.29 -12.06
C LYS B 276 -25.03 10.16 -13.21
N PRO B 277 -24.92 11.48 -13.08
CA PRO B 277 -25.33 12.38 -14.18
C PRO B 277 -24.50 12.24 -15.44
N SER B 278 -23.32 11.62 -15.38
CA SER B 278 -22.49 11.42 -16.56
C SER B 278 -21.41 10.41 -16.23
N CYS B 279 -21.25 9.40 -17.10
CA CYS B 279 -20.23 8.39 -16.93
C CYS B 279 -18.99 8.76 -17.73
N LYS B 280 -17.84 8.86 -17.04
CA LYS B 280 -16.60 9.25 -17.67
C LYS B 280 -15.45 8.29 -17.38
N ASN B 281 -15.72 7.19 -16.68
CA ASN B 281 -14.67 6.20 -16.41
C ASN B 281 -15.10 4.76 -16.63
N ASN B 282 -16.39 4.50 -16.81
CA ASN B 282 -16.94 3.15 -16.90
C ASN B 282 -17.74 2.97 -18.18
N TYR B 283 -17.13 3.28 -19.33
CA TYR B 283 -17.88 3.18 -20.58
C TYR B 283 -17.98 1.73 -21.02
N GLU B 284 -18.42 0.86 -20.11
CA GLU B 284 -18.81 -0.49 -20.45
C GLU B 284 -20.02 -0.95 -19.66
N ASN B 285 -20.58 -0.10 -18.80
CA ASN B 285 -21.83 -0.38 -18.11
C ASN B 285 -23.00 0.44 -18.64
N TYR B 286 -22.76 1.70 -19.00
CA TYR B 286 -23.80 2.47 -19.68
C TYR B 286 -24.13 1.87 -21.04
N ILE B 287 -23.10 1.46 -21.80
CA ILE B 287 -23.35 0.76 -23.05
C ILE B 287 -23.96 -0.62 -22.82
N ASP B 288 -23.70 -1.22 -21.66
CA ASP B 288 -24.38 -2.45 -21.27
C ASP B 288 -25.80 -2.20 -20.79
N ILE B 289 -26.04 -1.06 -20.12
CA ILE B 289 -27.40 -0.71 -19.70
C ILE B 289 -28.27 -0.42 -20.92
N VAL B 290 -27.69 0.18 -21.97
CA VAL B 290 -28.46 0.55 -23.15
C VAL B 290 -29.15 -0.67 -23.74
N LYS B 291 -28.46 -1.81 -23.79
CA LYS B 291 -29.06 -3.03 -24.31
C LYS B 291 -30.28 -3.43 -23.49
N TYR B 292 -30.19 -3.36 -22.17
CA TYR B 292 -31.32 -3.70 -21.32
C TYR B 292 -32.48 -2.73 -21.53
N VAL B 293 -32.19 -1.48 -21.86
CA VAL B 293 -33.24 -0.50 -22.13
C VAL B 293 -33.75 -0.62 -23.56
N PHE B 294 -32.84 -0.87 -24.51
CA PHE B 294 -33.24 -0.96 -25.92
C PHE B 294 -34.12 -2.18 -26.18
N SER B 295 -34.06 -3.20 -25.34
CA SER B 295 -34.84 -4.41 -25.59
C SER B 295 -36.30 -4.22 -25.16
N ALA B 296 -36.91 -3.13 -25.62
CA ALA B 296 -38.34 -2.91 -25.49
C ALA B 296 -38.96 -2.26 -26.71
N TYR B 297 -38.19 -2.02 -27.77
CA TYR B 297 -38.67 -1.32 -28.95
C TYR B 297 -39.38 -2.28 -29.90
N SER B 301 -43.62 2.34 -34.68
CA SER B 301 -43.52 3.74 -34.29
C SER B 301 -42.08 4.24 -34.44
N PRO B 302 -41.91 5.39 -35.09
CA PRO B 302 -40.56 5.94 -35.27
C PRO B 302 -39.91 6.23 -33.92
N LEU B 303 -38.60 6.01 -33.87
CA LEU B 303 -37.84 6.12 -32.63
C LEU B 303 -36.80 7.22 -32.77
N ILE B 304 -36.79 8.15 -31.83
CA ILE B 304 -35.76 9.19 -31.74
C ILE B 304 -34.80 8.79 -30.64
N VAL B 305 -33.50 8.86 -30.93
CA VAL B 305 -32.45 8.46 -30.00
C VAL B 305 -31.60 9.68 -29.71
N ASN B 306 -31.69 10.20 -28.49
CA ASN B 306 -30.80 11.26 -28.05
C ASN B 306 -29.53 10.66 -27.48
N THR B 307 -28.40 11.28 -27.80
CA THR B 307 -27.09 10.83 -27.33
C THR B 307 -26.36 12.00 -26.67
N MET B 308 -25.38 11.66 -25.85
CA MET B 308 -24.63 12.66 -25.09
C MET B 308 -23.93 13.66 -26.00
N ILE B 320 -18.84 5.28 -32.41
CA ILE B 320 -19.03 4.28 -33.45
C ILE B 320 -19.99 3.20 -32.95
N ASP B 321 -19.80 2.78 -31.70
CA ASP B 321 -20.71 1.80 -31.11
C ASP B 321 -22.12 2.36 -31.00
N LEU B 322 -22.25 3.63 -30.61
CA LEU B 322 -23.58 4.23 -30.49
C LEU B 322 -24.27 4.32 -31.84
N ILE B 323 -23.53 4.65 -32.89
CA ILE B 323 -24.12 4.71 -34.22
C ILE B 323 -24.59 3.32 -34.66
N ARG B 324 -23.80 2.30 -34.35
CA ARG B 324 -24.17 0.92 -34.62
C ARG B 324 -24.97 0.38 -33.44
N LEU B 325 -25.14 -0.95 -33.38
CA LEU B 325 -25.62 -1.66 -32.20
C LEU B 325 -27.11 -1.44 -31.95
N LEU B 326 -27.75 -0.58 -32.75
CA LEU B 326 -29.17 -0.29 -32.59
C LEU B 326 -29.97 -0.60 -33.84
N SER B 327 -29.33 -1.09 -34.90
CA SER B 327 -29.95 -1.27 -36.21
C SER B 327 -30.71 -0.02 -36.66
N PRO B 328 -30.04 1.12 -36.77
CA PRO B 328 -30.74 2.37 -37.08
C PRO B 328 -31.03 2.51 -38.57
N SER B 329 -31.85 3.50 -38.87
CA SER B 329 -32.14 3.88 -40.25
C SER B 329 -31.94 5.36 -40.51
N HIS B 330 -31.50 6.14 -39.51
CA HIS B 330 -31.29 7.56 -39.68
C HIS B 330 -30.26 8.02 -38.64
N VAL B 331 -29.30 8.82 -39.07
CA VAL B 331 -28.22 9.28 -38.21
C VAL B 331 -28.18 10.80 -38.18
N VAL B 332 -29.35 11.44 -38.20
CA VAL B 332 -29.45 12.90 -38.15
C VAL B 332 -28.50 13.45 -37.10
N GLN B 333 -27.86 14.57 -37.41
CA GLN B 333 -26.74 15.07 -36.61
C GLN B 333 -27.06 16.35 -35.86
N PHE B 334 -27.46 17.41 -36.57
CA PHE B 334 -27.70 18.72 -35.98
C PHE B 334 -26.51 19.17 -35.14
N ARG B 335 -25.38 19.36 -35.82
CA ARG B 335 -24.16 19.81 -35.17
C ARG B 335 -23.98 21.32 -35.30
N HIS B 394 -28.77 3.83 -42.04
CA HIS B 394 -27.66 4.75 -41.85
C HIS B 394 -27.62 5.78 -42.96
N LYS B 395 -28.43 6.83 -42.83
CA LYS B 395 -28.57 7.87 -43.83
C LYS B 395 -28.01 9.17 -43.27
N LEU B 396 -26.78 9.50 -43.67
CA LEU B 396 -26.17 10.75 -43.23
C LEU B 396 -26.98 11.94 -43.72
N ILE B 397 -27.27 12.87 -42.81
CA ILE B 397 -28.00 14.09 -43.17
C ILE B 397 -27.20 15.30 -42.72
N GLY B 398 -26.81 15.32 -41.45
CA GLY B 398 -25.96 16.37 -40.92
C GLY B 398 -26.70 17.56 -40.35
N VAL B 399 -27.31 18.38 -41.21
CA VAL B 399 -27.98 19.61 -40.83
C VAL B 399 -27.06 20.43 -39.92
N TYR B 400 -26.01 21.00 -40.50
CA TYR B 400 -25.11 21.83 -39.73
C TYR B 400 -25.82 23.10 -39.27
N THR B 401 -26.06 23.21 -37.97
CA THR B 401 -26.78 24.36 -37.41
C THR B 401 -25.90 25.12 -36.43
N ARG B 412 -21.53 27.90 -17.22
CA ARG B 412 -22.36 26.87 -17.83
C ARG B 412 -22.66 25.75 -16.84
N GLU B 413 -21.68 25.46 -15.97
CA GLU B 413 -21.85 24.40 -14.97
C GLU B 413 -22.85 24.78 -13.89
N SER B 414 -22.83 26.01 -13.40
CA SER B 414 -23.79 26.44 -12.39
C SER B 414 -25.20 26.62 -12.95
N HIS B 415 -25.34 26.77 -14.26
CA HIS B 415 -26.65 26.86 -14.88
C HIS B 415 -27.21 25.51 -15.30
N ASN B 416 -26.34 24.53 -15.60
CA ASN B 416 -26.77 23.19 -15.92
C ASN B 416 -27.12 22.37 -14.69
N LYS B 417 -26.75 22.85 -13.49
CA LYS B 417 -27.12 22.20 -12.24
C LYS B 417 -28.46 22.67 -11.70
N ILE B 418 -28.90 23.87 -12.08
CA ILE B 418 -30.20 24.35 -11.65
C ILE B 418 -31.33 23.55 -12.31
N LEU B 419 -31.19 23.26 -13.60
CA LEU B 419 -32.21 22.48 -14.30
C LEU B 419 -32.17 21.00 -13.92
N ARG B 420 -31.08 20.52 -13.33
CA ARG B 420 -31.04 19.16 -12.82
C ARG B 420 -31.71 19.02 -11.46
N ASP B 421 -31.61 20.06 -10.62
CA ASP B 421 -32.32 20.08 -9.35
C ASP B 421 -33.70 20.74 -9.46
N LEU B 422 -34.11 21.14 -10.66
CA LEU B 422 -35.46 21.64 -10.90
C LEU B 422 -36.40 20.55 -11.40
N SER B 423 -35.87 19.54 -12.09
CA SER B 423 -36.69 18.40 -12.48
C SER B 423 -36.97 17.48 -11.30
N ILE B 424 -36.04 17.40 -10.33
CA ILE B 424 -36.31 16.65 -9.11
C ILE B 424 -37.41 17.32 -8.31
N LEU B 425 -37.37 18.66 -8.19
CA LEU B 425 -38.45 19.37 -7.53
C LEU B 425 -39.77 19.22 -8.26
N SER B 426 -39.75 18.98 -9.56
CA SER B 426 -40.98 18.69 -10.31
C SER B 426 -41.50 17.28 -10.07
N TYR B 427 -40.61 16.33 -9.76
CA TYR B 427 -41.08 15.00 -9.40
C TYR B 427 -41.73 14.99 -8.02
N LEU B 428 -41.26 15.85 -7.12
CA LEU B 428 -41.83 15.95 -5.78
C LEU B 428 -43.09 16.80 -5.75
N SER B 429 -43.36 17.57 -6.80
CA SER B 429 -44.58 18.36 -6.86
C SER B 429 -45.83 17.50 -7.07
N GLN B 430 -45.66 16.22 -7.38
CA GLN B 430 -46.79 15.31 -7.49
C GLN B 430 -47.32 14.84 -6.14
N LEU B 431 -46.64 15.17 -5.06
CA LEU B 431 -47.11 14.86 -3.72
C LEU B 431 -48.11 15.87 -3.19
N GLN B 432 -48.10 17.09 -3.72
CA GLN B 432 -49.03 18.12 -3.27
C GLN B 432 -50.46 17.74 -3.65
N PRO B 433 -51.46 18.18 -2.87
CA PRO B 433 -52.87 17.93 -3.15
C PRO B 433 -53.30 18.44 -4.53
N SER B 440 -49.29 21.81 1.23
CA SER B 440 -48.81 20.86 2.20
C SER B 440 -47.28 20.85 2.25
N PRO B 441 -46.72 21.12 3.43
CA PRO B 441 -45.25 21.07 3.58
C PRO B 441 -44.74 19.67 3.27
N LEU B 442 -43.50 19.61 2.76
CA LEU B 442 -42.96 18.34 2.29
C LEU B 442 -42.78 17.35 3.43
N HIS B 443 -42.44 17.83 4.63
CA HIS B 443 -42.34 16.94 5.78
C HIS B 443 -43.70 16.68 6.43
N SER B 444 -44.74 17.40 6.04
CA SER B 444 -46.04 17.29 6.71
C SER B 444 -46.89 16.14 6.19
N LEU B 445 -46.67 15.69 4.95
CA LEU B 445 -47.47 14.61 4.41
C LEU B 445 -47.19 13.31 5.15
N THR B 446 -48.20 12.44 5.17
CA THR B 446 -48.07 11.15 5.85
C THR B 446 -47.23 10.21 5.00
N PRO B 447 -46.11 9.73 5.49
CA PRO B 447 -45.28 8.80 4.71
C PRO B 447 -45.75 7.36 4.90
N TYR B 448 -45.16 6.47 4.10
CA TYR B 448 -45.41 5.06 4.24
C TYR B 448 -44.42 4.47 5.26
N GLN B 449 -44.54 3.18 5.53
CA GLN B 449 -43.63 2.49 6.42
C GLN B 449 -43.31 1.11 5.86
N VAL B 450 -42.09 0.65 6.14
CA VAL B 450 -41.68 -0.72 5.80
C VAL B 450 -40.60 -1.15 6.79
N PRO B 451 -40.70 -2.36 7.35
CA PRO B 451 -39.66 -2.84 8.27
C PRO B 451 -38.37 -3.14 7.53
N PHE B 452 -37.30 -3.35 8.29
CA PHE B 452 -36.01 -3.64 7.68
C PHE B 452 -35.91 -5.12 7.33
N ASN B 453 -36.94 -5.67 6.70
CA ASN B 453 -36.87 -7.04 6.19
C ASN B 453 -37.57 -7.22 4.85
N ALA B 454 -38.25 -6.20 4.33
CA ALA B 454 -39.00 -6.32 3.10
C ALA B 454 -38.39 -5.53 1.95
N VAL B 455 -37.50 -4.59 2.23
CA VAL B 455 -36.84 -3.79 1.20
C VAL B 455 -35.34 -3.91 1.37
N ALA B 456 -34.64 -4.24 0.29
CA ALA B 456 -33.19 -4.31 0.32
C ALA B 456 -32.59 -2.92 0.12
N LEU B 457 -31.29 -2.80 0.36
CA LEU B 457 -30.62 -1.52 0.26
C LEU B 457 -29.28 -1.69 -0.45
N ARG B 458 -29.00 -0.82 -1.41
CA ARG B 458 -27.71 -0.79 -2.08
C ARG B 458 -27.28 0.65 -2.30
N ILE B 459 -26.02 0.93 -2.02
CA ILE B 459 -25.46 2.27 -2.19
C ILE B 459 -24.57 2.29 -3.42
N THR B 460 -25.12 2.69 -4.56
CA THR B 460 -24.35 2.77 -5.79
C THR B 460 -23.45 3.99 -5.76
N HIS B 461 -22.26 3.85 -6.34
CA HIS B 461 -21.25 4.92 -6.40
C HIS B 461 -20.84 5.37 -4.99
N SER B 462 -20.35 4.41 -4.20
CA SER B 462 -19.76 4.66 -2.89
C SER B 462 -19.30 3.32 -2.33
N ASP B 463 -18.46 3.40 -1.29
CA ASP B 463 -18.03 2.23 -0.52
C ASP B 463 -18.33 2.54 0.94
N VAL B 464 -19.55 2.24 1.38
CA VAL B 464 -20.01 2.54 2.73
C VAL B 464 -19.86 1.27 3.57
N ALA B 465 -19.27 1.42 4.75
CA ALA B 465 -19.07 0.28 5.63
C ALA B 465 -20.41 -0.35 5.98
N PRO B 466 -20.54 -1.68 5.93
CA PRO B 466 -21.86 -2.30 6.08
C PRO B 466 -22.57 -1.95 7.37
N THR B 467 -21.85 -1.87 8.49
CA THR B 467 -22.49 -1.49 9.74
C THR B 467 -23.01 -0.06 9.70
N HIS B 468 -22.23 0.86 9.15
CA HIS B 468 -22.59 2.28 9.12
C HIS B 468 -23.33 2.63 7.84
N ILE B 469 -24.39 1.90 7.51
CA ILE B 469 -25.11 2.13 6.26
C ILE B 469 -26.45 2.82 6.45
N LEU B 470 -27.05 2.76 7.64
CA LEU B 470 -28.34 3.42 7.83
C LEU B 470 -28.20 4.93 7.87
N TYR B 471 -26.99 5.48 7.94
CA TYR B 471 -26.81 6.92 7.86
C TYR B 471 -26.64 7.40 6.43
N ALA B 472 -26.26 6.53 5.50
CA ALA B 472 -26.20 6.90 4.09
C ALA B 472 -27.58 6.85 3.42
N VAL B 473 -28.58 6.28 4.08
CA VAL B 473 -29.92 6.17 3.53
C VAL B 473 -30.95 6.99 4.30
N ASN B 474 -30.59 7.53 5.46
CA ASN B 474 -31.51 8.34 6.24
C ASN B 474 -31.58 9.74 5.68
N ALA B 475 -32.81 10.26 5.50
CA ALA B 475 -33.06 11.59 4.97
C ALA B 475 -32.37 11.78 3.61
N SER B 476 -32.55 10.81 2.74
CA SER B 476 -31.87 10.76 1.45
C SER B 476 -32.87 10.79 0.31
N TRP B 477 -32.37 10.62 -0.91
CA TRP B 477 -33.17 10.57 -2.13
C TRP B 477 -32.90 9.21 -2.78
N VAL B 478 -33.80 8.25 -2.53
CA VAL B 478 -33.61 6.88 -2.99
C VAL B 478 -34.48 6.64 -4.21
N GLY B 479 -34.08 5.67 -5.02
CA GLY B 479 -34.87 5.28 -6.17
C GLY B 479 -35.64 4.00 -5.91
N LEU B 480 -36.96 4.09 -5.87
CA LEU B 480 -37.79 2.96 -5.50
C LEU B 480 -37.81 1.92 -6.61
N CYS B 481 -36.71 1.21 -6.79
CA CYS B 481 -36.56 0.27 -7.90
C CYS B 481 -37.29 -1.03 -7.59
N LYS B 482 -37.11 -2.04 -8.43
CA LYS B 482 -37.79 -3.31 -8.28
C LYS B 482 -36.84 -4.46 -8.64
N ILE B 483 -36.83 -5.49 -7.82
CA ILE B 483 -36.07 -6.70 -8.10
C ILE B 483 -36.69 -7.87 -7.35
N THR B 491 -38.19 -7.03 10.26
CA THR B 491 -37.37 -7.56 11.33
C THR B 491 -35.87 -7.45 11.01
N ASN B 492 -35.05 -7.55 12.05
CA ASN B 492 -33.60 -7.50 11.94
C ASN B 492 -33.22 -6.09 11.44
N GLY B 493 -32.04 -5.93 10.86
CA GLY B 493 -31.61 -4.65 10.35
C GLY B 493 -31.36 -4.67 8.86
N PRO B 494 -30.10 -4.45 8.47
CA PRO B 494 -29.79 -4.31 7.05
C PRO B 494 -29.98 -5.61 6.28
N ILE B 495 -30.30 -5.45 5.00
CA ILE B 495 -30.51 -6.58 4.07
C ILE B 495 -29.64 -6.34 2.84
N LEU B 496 -28.48 -5.71 3.05
CA LEU B 496 -27.61 -5.24 1.97
C LEU B 496 -27.34 -6.27 0.88
N LEU B 497 -27.14 -5.79 -0.34
CA LEU B 497 -26.81 -6.64 -1.48
C LEU B 497 -25.29 -6.81 -1.57
N ALA B 498 -24.82 -7.34 -2.70
CA ALA B 498 -23.40 -7.46 -2.96
C ALA B 498 -22.97 -6.91 -4.31
N GLN B 499 -23.85 -6.86 -5.30
CA GLN B 499 -23.55 -6.31 -6.62
C GLN B 499 -24.68 -5.40 -7.06
N THR B 500 -24.35 -4.46 -7.94
CA THR B 500 -25.35 -3.51 -8.42
C THR B 500 -26.19 -4.18 -9.52
N PRO B 501 -27.49 -4.34 -9.33
CA PRO B 501 -28.31 -5.01 -10.35
C PRO B 501 -28.78 -4.05 -11.42
N ILE B 502 -29.05 -4.61 -12.59
CA ILE B 502 -29.69 -3.87 -13.68
C ILE B 502 -31.19 -4.11 -13.54
N CYS B 503 -31.82 -3.26 -12.73
CA CYS B 503 -33.23 -3.39 -12.39
C CYS B 503 -34.07 -2.47 -13.27
N ASP B 504 -35.34 -2.34 -12.92
CA ASP B 504 -36.28 -1.47 -13.62
C ASP B 504 -36.86 -0.49 -12.61
N CYS B 505 -36.32 0.73 -12.56
CA CYS B 505 -36.80 1.72 -11.62
C CYS B 505 -38.24 2.11 -11.92
N LEU B 506 -39.05 2.21 -10.87
CA LEU B 506 -40.47 2.52 -11.01
C LEU B 506 -40.84 3.91 -10.50
N GLY B 507 -39.94 4.57 -9.78
CA GLY B 507 -40.27 5.86 -9.19
C GLY B 507 -39.14 6.35 -8.31
N PHE B 508 -39.42 7.43 -7.59
CA PHE B 508 -38.42 8.04 -6.72
C PHE B 508 -39.09 8.46 -5.42
N GLY B 509 -38.46 8.13 -4.30
CA GLY B 509 -38.99 8.47 -3.00
C GLY B 509 -37.90 9.01 -2.09
N ILE B 510 -38.34 9.59 -0.98
CA ILE B 510 -37.45 10.21 0.00
C ILE B 510 -37.64 9.54 1.34
N CYS B 511 -36.55 9.04 1.91
CA CYS B 511 -36.58 8.58 3.29
C CYS B 511 -36.55 9.79 4.21
N ARG B 512 -37.32 9.74 5.30
CA ARG B 512 -37.36 10.86 6.24
C ARG B 512 -36.75 10.54 7.58
N GLY B 513 -36.77 9.27 8.00
CA GLY B 513 -36.19 8.90 9.27
C GLY B 513 -36.22 7.42 9.55
N ILE B 514 -35.26 6.93 10.33
CA ILE B 514 -35.23 5.52 10.70
C ILE B 514 -34.79 5.37 12.15
N ASP B 515 -35.74 5.04 13.02
CA ASP B 515 -35.46 4.82 14.44
C ASP B 515 -35.40 3.32 14.73
N MET B 516 -34.40 2.92 15.50
CA MET B 516 -34.27 1.52 15.91
C MET B 516 -35.02 1.26 17.21
N LEU B 520 -37.95 1.53 11.23
CA LEU B 520 -38.97 1.60 10.20
C LEU B 520 -38.57 2.61 9.12
N TYR B 521 -38.47 2.13 7.88
CA TYR B 521 -38.16 3.01 6.75
C TYR B 521 -39.40 3.83 6.44
N HIS B 522 -39.48 5.04 6.99
CA HIS B 522 -40.57 5.97 6.69
C HIS B 522 -40.26 6.60 5.33
N ILE B 523 -40.80 5.99 4.27
CA ILE B 523 -40.44 6.34 2.91
C ILE B 523 -41.61 7.11 2.30
N LEU B 524 -41.38 8.39 1.99
CA LEU B 524 -42.36 9.24 1.34
C LEU B 524 -42.28 9.01 -0.16
N THR B 525 -43.40 8.63 -0.78
CA THR B 525 -43.43 8.27 -2.19
C THR B 525 -44.45 9.10 -2.94
N PRO B 526 -44.07 9.82 -4.00
CA PRO B 526 -45.05 10.31 -4.97
C PRO B 526 -45.54 9.22 -5.93
N VAL B 527 -44.98 8.03 -5.87
CA VAL B 527 -45.44 6.92 -6.72
C VAL B 527 -46.88 6.58 -6.36
N PRO B 528 -47.74 6.24 -7.31
CA PRO B 528 -49.11 5.86 -6.97
C PRO B 528 -49.15 4.68 -6.02
N PRO B 529 -50.10 4.65 -5.09
CA PRO B 529 -50.12 3.59 -4.07
C PRO B 529 -50.23 2.19 -4.65
N GLU B 530 -50.83 2.05 -5.85
CA GLU B 530 -50.93 0.72 -6.47
C GLU B 530 -49.55 0.16 -6.81
N GLU B 531 -48.61 1.02 -7.18
CA GLU B 531 -47.28 0.58 -7.59
C GLU B 531 -46.31 0.42 -6.44
N LEU B 532 -46.67 0.85 -5.22
CA LEU B 532 -45.76 0.73 -4.09
C LEU B 532 -45.52 -0.72 -3.70
N ARG B 533 -46.52 -1.59 -3.88
CA ARG B 533 -46.39 -2.97 -3.42
C ARG B 533 -45.26 -3.71 -4.14
N THR B 534 -45.03 -3.37 -5.41
CA THR B 534 -43.96 -4.04 -6.16
C THR B 534 -42.58 -3.55 -5.76
N VAL B 535 -42.48 -2.41 -5.08
CA VAL B 535 -41.21 -1.87 -4.64
C VAL B 535 -40.59 -2.80 -3.61
N ASN B 536 -39.38 -3.29 -3.88
CA ASN B 536 -38.73 -4.20 -2.95
C ASN B 536 -37.23 -3.93 -2.79
N CYS B 537 -36.72 -2.81 -3.30
CA CYS B 537 -35.32 -2.47 -3.10
C CYS B 537 -35.16 -0.95 -3.15
N LEU B 538 -34.06 -0.48 -2.56
CA LEU B 538 -33.68 0.91 -2.59
C LEU B 538 -32.25 1.00 -3.12
N LEU B 539 -32.02 1.97 -4.01
CA LEU B 539 -30.70 2.17 -4.60
C LEU B 539 -30.34 3.64 -4.49
N VAL B 540 -29.34 3.95 -3.69
CA VAL B 540 -28.85 5.31 -3.54
C VAL B 540 -27.72 5.55 -4.53
N GLY B 541 -27.80 6.65 -5.27
CA GLY B 541 -26.79 6.98 -6.25
C GLY B 541 -26.22 8.37 -6.04
N ALA B 542 -25.53 8.90 -7.04
CA ALA B 542 -24.94 10.22 -6.91
C ALA B 542 -25.98 11.30 -7.23
N ILE B 543 -27.15 11.21 -6.60
CA ILE B 543 -28.24 12.16 -6.80
C ILE B 543 -28.94 12.31 -5.46
N ALA B 544 -28.84 13.47 -4.85
CA ALA B 544 -29.41 13.72 -3.54
C ALA B 544 -30.56 14.73 -3.64
N ILE B 545 -31.29 14.86 -2.54
CA ILE B 545 -32.41 15.81 -2.53
C ILE B 545 -31.86 17.22 -2.74
N PRO B 546 -32.54 18.07 -3.49
CA PRO B 546 -32.10 19.47 -3.61
C PRO B 546 -32.03 20.10 -2.23
N HIS B 547 -30.99 20.92 -2.03
CA HIS B 547 -30.75 21.47 -0.69
C HIS B 547 -31.91 22.32 -0.21
N CYS B 548 -32.67 22.93 -1.12
CA CYS B 548 -33.81 23.73 -0.73
C CYS B 548 -34.87 22.90 -0.04
N VAL B 549 -34.98 21.61 -0.37
CA VAL B 549 -35.91 20.74 0.33
C VAL B 549 -35.45 20.50 1.76
N LEU B 550 -34.17 20.19 1.95
CA LEU B 550 -33.63 19.94 3.28
C LEU B 550 -33.39 21.22 4.07
N LYS B 551 -33.29 22.37 3.40
CA LYS B 551 -33.01 23.62 4.09
C LYS B 551 -34.27 24.15 4.77
N CYS B 552 -34.25 25.42 5.19
CA CYS B 552 -35.31 26.00 5.99
C CYS B 552 -36.69 25.83 5.36
N GLN B 553 -37.56 25.09 6.03
CA GLN B 553 -38.95 24.93 5.63
C GLN B 553 -39.86 25.77 6.50
N ARG B 554 -41.13 25.85 6.12
CA ARG B 554 -42.12 26.61 6.87
C ARG B 554 -43.43 25.83 7.00
N ILE C 43 33.09 -15.78 -12.14
CA ILE C 43 32.12 -14.75 -11.82
C ILE C 43 31.12 -15.26 -10.79
N VAL C 44 30.89 -14.48 -9.75
CA VAL C 44 30.00 -14.84 -8.66
C VAL C 44 28.61 -14.29 -8.96
N VAL C 45 27.59 -15.14 -8.84
CA VAL C 45 26.21 -14.77 -9.11
C VAL C 45 25.34 -15.17 -7.92
N ALA C 46 24.21 -14.47 -7.79
CA ALA C 46 23.28 -14.76 -6.69
C ALA C 46 22.53 -16.07 -6.90
N TRP C 47 22.44 -16.57 -8.12
CA TRP C 47 21.75 -17.82 -8.41
C TRP C 47 22.76 -18.95 -8.48
N LEU C 48 22.47 -20.04 -7.79
CA LEU C 48 23.42 -21.15 -7.71
C LEU C 48 23.70 -21.74 -9.08
N SER C 49 22.64 -22.03 -9.84
CA SER C 49 22.77 -22.66 -11.15
C SER C 49 21.61 -22.19 -12.02
N ARG C 50 21.38 -22.89 -13.12
CA ARG C 50 20.26 -22.60 -13.99
C ARG C 50 18.96 -23.25 -13.55
N ALA C 51 18.95 -23.85 -12.35
CA ALA C 51 17.73 -24.32 -11.72
C ALA C 51 17.14 -23.29 -10.78
N GLU C 52 17.72 -22.09 -10.73
CA GLU C 52 17.20 -21.00 -9.92
C GLU C 52 17.03 -19.75 -10.76
N TRP C 53 17.84 -19.63 -11.82
CA TRP C 53 17.68 -18.55 -12.78
C TRP C 53 16.67 -18.87 -13.87
N ASP C 54 16.24 -20.13 -13.96
CA ASP C 54 15.19 -20.54 -14.90
C ASP C 54 13.90 -20.94 -14.21
N GLN C 55 13.97 -21.65 -13.09
CA GLN C 55 12.75 -22.02 -12.37
C GLN C 55 12.03 -20.79 -11.87
N VAL C 56 12.77 -19.80 -11.35
CA VAL C 56 12.14 -18.56 -10.94
C VAL C 56 11.61 -17.80 -12.15
N THR C 57 12.37 -17.78 -13.25
CA THR C 57 11.91 -17.09 -14.45
C THR C 57 10.62 -17.69 -14.98
N VAL C 58 10.53 -19.02 -15.00
CA VAL C 58 9.32 -19.68 -15.49
C VAL C 58 8.17 -19.50 -14.50
N TYR C 59 8.45 -19.64 -13.21
CA TYR C 59 7.41 -19.66 -12.19
C TYR C 59 6.91 -18.27 -11.80
N LEU C 60 7.61 -17.20 -12.18
CA LEU C 60 7.14 -15.87 -11.82
C LEU C 60 5.95 -15.44 -12.65
N PHE C 61 5.81 -15.97 -13.87
CA PHE C 61 4.75 -15.55 -14.77
C PHE C 61 3.72 -16.65 -15.05
N CYS C 62 4.00 -17.89 -14.66
CA CYS C 62 2.99 -18.96 -14.69
C CYS C 62 2.32 -18.97 -13.33
N ASP C 63 1.11 -18.40 -13.28
CA ASP C 63 0.55 -17.97 -11.99
C ASP C 63 0.33 -19.09 -11.00
N ASP C 64 -0.68 -19.94 -11.24
CA ASP C 64 -1.01 -21.09 -10.39
C ASP C 64 -1.34 -20.67 -8.96
N HIS C 65 -1.23 -19.38 -8.66
CA HIS C 65 -1.46 -18.79 -7.33
C HIS C 65 -0.49 -19.32 -6.28
N LYS C 66 0.38 -20.27 -6.65
CA LYS C 66 1.36 -20.83 -5.72
C LYS C 66 2.74 -21.02 -6.32
N LEU C 67 2.92 -20.78 -7.62
CA LEU C 67 4.24 -20.83 -8.24
C LEU C 67 4.87 -19.46 -8.40
N GLN C 68 4.09 -18.38 -8.36
CA GLN C 68 4.67 -17.05 -8.23
C GLN C 68 4.86 -16.66 -6.76
N ARG C 69 4.36 -17.46 -5.83
CA ARG C 69 4.66 -17.26 -4.41
C ARG C 69 5.89 -18.03 -3.97
N TYR C 70 6.12 -19.22 -4.54
CA TYR C 70 7.40 -19.90 -4.35
C TYR C 70 8.54 -19.12 -4.98
N ALA C 71 8.31 -18.58 -6.18
CA ALA C 71 9.34 -17.85 -6.91
C ALA C 71 9.37 -16.37 -6.55
N LEU C 72 8.52 -15.92 -5.63
CA LEU C 72 8.65 -14.59 -5.06
C LEU C 72 9.43 -14.60 -3.75
N ASN C 73 9.46 -15.73 -3.06
CA ASN C 73 10.29 -15.91 -1.88
C ASN C 73 11.69 -16.41 -2.21
N ARG C 74 11.94 -16.80 -3.46
CA ARG C 74 13.28 -17.14 -3.93
C ARG C 74 14.00 -15.93 -4.51
N ILE C 75 13.37 -14.76 -4.50
CA ILE C 75 14.07 -13.52 -4.83
C ILE C 75 14.35 -12.66 -3.60
N THR C 76 13.67 -12.91 -2.49
CA THR C 76 14.10 -12.34 -1.22
C THR C 76 15.35 -13.03 -0.70
N VAL C 77 15.76 -14.13 -1.30
CA VAL C 77 17.02 -14.79 -0.96
C VAL C 77 18.16 -14.22 -1.78
N TRP C 78 17.88 -13.76 -3.00
CA TRP C 78 18.91 -13.09 -3.78
C TRP C 78 19.20 -11.68 -3.27
N ARG C 79 18.39 -11.18 -2.33
CA ARG C 79 18.74 -9.93 -1.65
C ARG C 79 19.84 -10.16 -0.63
N SER C 80 19.79 -11.27 0.11
CA SER C 80 20.84 -11.58 1.06
C SER C 80 22.16 -11.87 0.36
N ARG C 81 22.11 -12.58 -0.77
CA ARG C 81 23.33 -12.93 -1.48
C ARG C 81 23.99 -11.74 -2.16
N SER C 82 23.32 -10.59 -2.21
CA SER C 82 23.90 -9.35 -2.74
C SER C 82 24.00 -8.29 -1.66
N GLY C 83 24.09 -8.72 -0.40
CA GLY C 83 24.14 -7.85 0.75
C GLY C 83 22.77 -7.40 1.22
N ASN C 84 22.19 -6.38 0.58
CA ASN C 84 20.77 -6.13 0.75
C ASN C 84 20.11 -5.56 -0.50
N GLU C 85 20.67 -5.80 -1.69
CA GLU C 85 20.27 -5.08 -2.89
C GLU C 85 19.82 -6.04 -3.98
N LEU C 86 18.85 -5.58 -4.76
CA LEU C 86 18.34 -6.25 -5.95
C LEU C 86 18.33 -5.24 -7.09
N PRO C 87 18.53 -5.70 -8.32
CA PRO C 87 18.43 -4.78 -9.46
C PRO C 87 17.04 -4.15 -9.53
N LEU C 88 17.00 -2.91 -10.03
CA LEU C 88 15.76 -2.16 -10.06
C LEU C 88 14.66 -2.92 -10.78
N ALA C 89 15.01 -3.57 -11.90
CA ALA C 89 14.02 -4.34 -12.65
C ALA C 89 13.45 -5.48 -11.82
N VAL C 90 14.30 -6.20 -11.09
CA VAL C 90 13.83 -7.33 -10.30
C VAL C 90 12.97 -6.85 -9.14
N ALA C 91 13.35 -5.75 -8.51
CA ALA C 91 12.53 -5.20 -7.43
C ALA C 91 11.17 -4.77 -7.94
N SER C 92 11.13 -4.11 -9.10
CA SER C 92 9.85 -3.69 -9.67
C SER C 92 8.98 -4.89 -10.00
N THR C 93 9.58 -5.92 -10.62
CA THR C 93 8.83 -7.11 -10.97
C THR C 93 8.28 -7.81 -9.74
N ALA C 94 9.09 -7.89 -8.67
CA ALA C 94 8.61 -8.52 -7.45
C ALA C 94 7.49 -7.72 -6.81
N ASP C 95 7.61 -6.39 -6.79
CA ASP C 95 6.56 -5.55 -6.21
C ASP C 95 5.24 -5.70 -6.97
N LEU C 96 5.32 -5.75 -8.31
CA LEU C 96 4.11 -5.82 -9.12
C LEU C 96 3.39 -7.15 -9.00
N ILE C 97 4.00 -8.17 -8.40
CA ILE C 97 3.33 -9.45 -8.17
C ILE C 97 2.97 -9.57 -6.69
N ARG C 98 3.72 -8.86 -5.83
CA ARG C 98 3.27 -8.70 -4.46
C ARG C 98 1.91 -8.01 -4.41
N CYS C 99 1.73 -7.01 -5.25
CA CYS C 99 0.43 -6.35 -5.36
C CYS C 99 -0.64 -7.32 -5.86
N LYS C 100 -0.30 -8.12 -6.88
CA LYS C 100 -1.28 -9.01 -7.49
C LYS C 100 -1.75 -10.09 -6.52
N LEU C 101 -0.81 -10.75 -5.84
CA LEU C 101 -1.18 -11.86 -4.96
C LEU C 101 -2.05 -11.44 -3.79
N LEU C 102 -2.01 -10.15 -3.42
CA LEU C 102 -2.97 -9.63 -2.45
C LEU C 102 -4.25 -9.16 -3.11
N ASP C 103 -4.18 -8.67 -4.35
CA ASP C 103 -5.37 -8.22 -5.04
C ASP C 103 -6.23 -9.40 -5.51
N VAL C 104 -5.61 -10.46 -6.03
CA VAL C 104 -6.35 -11.62 -6.50
C VAL C 104 -6.96 -12.41 -5.34
N THR C 105 -6.20 -12.63 -4.27
CA THR C 105 -6.74 -13.35 -3.12
C THR C 105 -7.89 -12.57 -2.47
N GLY C 106 -7.78 -11.25 -2.41
CA GLY C 106 -8.80 -10.43 -1.81
C GLY C 106 -8.21 -9.32 -0.96
N GLY C 107 -7.09 -9.61 -0.31
CA GLY C 107 -6.33 -8.60 0.41
C GLY C 107 -7.15 -7.76 1.37
N LEU C 108 -7.30 -6.49 1.03
CA LEU C 108 -8.01 -5.53 1.87
C LEU C 108 -8.99 -4.72 1.04
N GLY C 109 -9.50 -3.63 1.60
CA GLY C 109 -10.47 -2.81 0.88
C GLY C 109 -9.88 -2.18 -0.36
N THR C 110 -10.78 -1.66 -1.19
CA THR C 110 -10.37 -1.06 -2.45
C THR C 110 -9.47 0.15 -2.23
N ASP C 111 -9.79 0.98 -1.22
CA ASP C 111 -8.97 2.15 -0.94
C ASP C 111 -7.55 1.77 -0.54
N GLU C 112 -7.38 0.60 0.08
CA GLU C 112 -6.08 0.13 0.53
C GLU C 112 -5.44 -0.86 -0.44
N LEU C 113 -6.02 -1.05 -1.61
CA LEU C 113 -5.40 -1.87 -2.65
C LEU C 113 -4.85 -1.06 -3.81
N ARG C 114 -5.42 0.11 -4.10
CA ARG C 114 -4.78 1.04 -5.03
C ARG C 114 -3.66 1.83 -4.37
N LEU C 115 -3.49 1.69 -3.05
CA LEU C 115 -2.33 2.25 -2.39
C LEU C 115 -1.07 1.46 -2.73
N LEU C 116 -1.16 0.12 -2.70
CA LEU C 116 -0.06 -0.70 -3.20
C LEU C 116 0.13 -0.51 -4.69
N TYR C 117 -0.98 -0.58 -5.45
CA TYR C 117 -0.91 -0.49 -6.90
C TYR C 117 -0.32 0.84 -7.36
N GLY C 118 -0.78 1.93 -6.75
CA GLY C 118 -0.30 3.24 -7.16
C GLY C 118 1.19 3.43 -6.89
N MET C 119 1.63 3.04 -5.69
CA MET C 119 3.04 3.17 -5.35
C MET C 119 3.90 2.29 -6.25
N ALA C 120 3.46 1.06 -6.50
CA ALA C 120 4.22 0.17 -7.37
C ALA C 120 4.35 0.74 -8.78
N LEU C 121 3.22 1.22 -9.35
CA LEU C 121 3.26 1.74 -10.70
C LEU C 121 4.10 3.02 -10.79
N VAL C 122 3.98 3.90 -9.80
CA VAL C 122 4.75 5.14 -9.82
C VAL C 122 6.24 4.84 -9.75
N ARG C 123 6.63 3.94 -8.85
CA ARG C 123 8.04 3.56 -8.74
C ARG C 123 8.53 2.90 -10.02
N PHE C 124 7.72 2.03 -10.61
CA PHE C 124 8.12 1.36 -11.84
C PHE C 124 8.34 2.37 -12.96
N VAL C 125 7.41 3.31 -13.13
CA VAL C 125 7.55 4.30 -14.19
C VAL C 125 8.77 5.19 -13.94
N ASN C 126 8.97 5.61 -12.69
CA ASN C 126 10.07 6.53 -12.40
C ASN C 126 11.43 5.86 -12.54
N LEU C 127 11.54 4.58 -12.18
CA LEU C 127 12.84 3.91 -12.16
C LEU C 127 13.12 3.12 -13.45
N ILE C 128 12.24 2.18 -13.78
CA ILE C 128 12.46 1.34 -14.94
C ILE C 128 11.53 1.77 -16.08
N PRO C 150 4.06 5.77 -23.87
CA PRO C 150 2.93 6.47 -24.50
C PRO C 150 2.26 7.44 -23.55
N ASP C 151 0.92 7.39 -23.49
CA ASP C 151 0.16 8.18 -22.54
C ASP C 151 -0.86 7.37 -21.76
N TRP C 152 -1.18 6.15 -22.18
CA TRP C 152 -2.10 5.31 -21.43
C TRP C 152 -1.53 4.94 -20.06
N ILE C 153 -0.24 4.60 -20.02
CA ILE C 153 0.40 4.19 -18.77
C ILE C 153 1.37 5.23 -18.23
N VAL C 154 1.86 6.16 -19.06
CA VAL C 154 2.80 7.16 -18.57
C VAL C 154 2.09 8.32 -17.88
N ASP C 155 0.86 8.63 -18.28
CA ASP C 155 0.11 9.71 -17.66
C ASP C 155 -0.69 9.25 -16.43
N LEU C 156 -0.63 7.96 -16.09
CA LEU C 156 -1.35 7.49 -14.91
C LEU C 156 -0.69 7.96 -13.62
N ARG C 157 0.62 8.12 -13.62
CA ARG C 157 1.32 8.52 -12.40
C ARG C 157 0.92 9.92 -11.96
N HIS C 158 0.67 10.82 -12.91
CA HIS C 158 0.26 12.18 -12.55
C HIS C 158 -1.08 12.16 -11.84
N GLU C 159 -2.04 11.39 -12.34
CA GLU C 159 -3.32 11.23 -11.63
C GLU C 159 -3.14 10.50 -10.31
N LEU C 160 -2.11 9.65 -10.21
CA LEU C 160 -1.91 8.86 -9.00
C LEU C 160 -1.39 9.73 -7.86
N THR C 161 -0.42 10.59 -8.14
CA THR C 161 0.26 11.34 -7.08
C THR C 161 -0.19 12.79 -6.95
N HIS C 162 -0.65 13.41 -8.03
CA HIS C 162 -0.96 14.84 -8.02
C HIS C 162 -2.45 15.15 -8.02
N LYS C 163 -3.30 14.24 -8.53
CA LYS C 163 -4.72 14.53 -8.65
C LYS C 163 -5.55 13.44 -7.97
N LYS C 164 -6.86 13.46 -8.21
CA LYS C 164 -7.78 12.55 -7.54
C LYS C 164 -7.38 11.09 -7.80
N MET C 165 -7.75 10.23 -6.86
CA MET C 165 -7.34 8.83 -6.92
C MET C 165 -7.96 8.14 -8.13
N PRO C 166 -7.16 7.55 -9.00
CA PRO C 166 -7.72 6.85 -10.16
C PRO C 166 -8.59 5.68 -9.74
N HIS C 167 -9.55 5.34 -10.59
CA HIS C 167 -10.45 4.23 -10.30
C HIS C 167 -9.67 2.92 -10.22
N ILE C 168 -10.20 1.97 -9.44
CA ILE C 168 -9.48 0.75 -9.15
C ILE C 168 -9.22 -0.04 -10.44
N ASN C 169 -10.16 0.01 -11.38
CA ASN C 169 -9.97 -0.71 -12.64
C ASN C 169 -8.83 -0.13 -13.47
N ASP C 170 -8.55 1.17 -13.34
CA ASP C 170 -7.41 1.74 -14.04
C ASP C 170 -6.11 1.07 -13.61
N CYS C 171 -5.94 0.86 -12.31
CA CYS C 171 -4.77 0.13 -11.82
C CYS C 171 -4.85 -1.34 -12.20
N ARG C 172 -6.01 -1.96 -12.02
CA ARG C 172 -6.22 -3.36 -12.35
C ARG C 172 -6.13 -3.63 -13.85
N ARG C 173 -5.89 -2.61 -14.66
CA ARG C 173 -5.47 -2.79 -16.05
C ARG C 173 -4.03 -2.40 -16.30
N GLY C 174 -3.57 -1.28 -15.72
CA GLY C 174 -2.21 -0.85 -15.96
C GLY C 174 -1.16 -1.79 -15.38
N CYS C 175 -1.47 -2.41 -14.24
CA CYS C 175 -0.49 -3.29 -13.59
C CYS C 175 -0.22 -4.53 -14.41
N TYR C 176 -1.27 -5.24 -14.81
CA TYR C 176 -1.07 -6.38 -15.71
C TYR C 176 -0.74 -5.96 -17.14
N PHE C 177 -0.85 -4.67 -17.49
CA PHE C 177 -0.21 -4.24 -18.73
C PHE C 177 1.30 -4.19 -18.59
N VAL C 178 1.79 -3.55 -17.52
CA VAL C 178 3.24 -3.39 -17.35
C VAL C 178 3.90 -4.72 -16.97
N LEU C 179 3.15 -5.63 -16.34
CA LEU C 179 3.70 -6.95 -16.04
C LEU C 179 3.99 -7.73 -17.32
N ASP C 180 3.23 -7.48 -18.37
CA ASP C 180 3.51 -8.06 -19.68
C ASP C 180 4.69 -7.39 -20.36
N TRP C 181 5.06 -6.18 -19.94
CA TRP C 181 6.22 -5.49 -20.50
C TRP C 181 7.54 -6.04 -19.97
N LEU C 182 7.55 -6.61 -18.77
CA LEU C 182 8.73 -7.21 -18.18
C LEU C 182 8.87 -8.69 -18.50
N GLN C 183 7.86 -9.29 -19.14
CA GLN C 183 7.93 -10.70 -19.53
C GLN C 183 8.84 -10.93 -20.72
N LYS C 184 8.92 -9.96 -21.63
CA LYS C 184 9.71 -10.11 -22.85
C LYS C 184 10.98 -9.27 -22.87
N THR C 185 11.09 -8.25 -22.01
CA THR C 185 12.24 -7.36 -22.01
C THR C 185 13.34 -7.82 -21.07
N TYR C 186 13.00 -8.27 -19.86
CA TYR C 186 13.99 -8.70 -18.89
C TYR C 186 13.90 -10.20 -18.61
N TRP C 187 12.74 -10.69 -18.20
CA TRP C 187 12.58 -12.10 -17.86
C TRP C 187 12.45 -12.95 -19.13
N GLY D 42 -29.40 28.80 6.02
CA GLY D 42 -29.06 27.44 6.39
C GLY D 42 -28.06 26.80 5.47
N ILE D 43 -27.48 25.68 5.91
CA ILE D 43 -26.50 24.94 5.12
C ILE D 43 -26.78 23.45 5.26
N VAL D 44 -26.29 22.69 4.28
CA VAL D 44 -26.40 21.24 4.25
C VAL D 44 -24.99 20.67 4.42
N VAL D 45 -24.83 19.76 5.39
CA VAL D 45 -23.53 19.20 5.72
C VAL D 45 -23.63 17.68 5.74
N ALA D 46 -22.48 17.03 5.52
CA ALA D 46 -22.43 15.57 5.53
C ALA D 46 -22.63 14.99 6.93
N TRP D 47 -22.35 15.77 7.97
CA TRP D 47 -22.51 15.32 9.35
C TRP D 47 -23.88 15.74 9.86
N LEU D 48 -24.60 14.81 10.49
CA LEU D 48 -25.96 15.09 10.94
C LEU D 48 -25.99 16.24 11.92
N SER D 49 -25.34 16.07 13.07
CA SER D 49 -25.30 17.07 14.12
C SER D 49 -23.86 17.30 14.54
N ARG D 50 -23.66 18.18 15.52
CA ARG D 50 -22.33 18.42 16.04
C ARG D 50 -21.83 17.31 16.95
N ALA D 51 -22.69 16.35 17.30
CA ALA D 51 -22.24 15.16 18.02
C ALA D 51 -21.58 14.14 17.10
N GLU D 52 -21.81 14.23 15.79
CA GLU D 52 -21.11 13.40 14.82
C GLU D 52 -19.87 14.07 14.24
N TRP D 53 -19.85 15.39 14.21
CA TRP D 53 -18.65 16.13 13.85
C TRP D 53 -17.67 16.23 15.01
N ASP D 54 -18.08 15.80 16.21
CA ASP D 54 -17.21 15.78 17.38
C ASP D 54 -16.79 14.38 17.78
N GLN D 55 -17.69 13.39 17.69
CA GLN D 55 -17.31 12.02 18.03
C GLN D 55 -16.21 11.51 17.10
N VAL D 56 -16.32 11.80 15.81
CA VAL D 56 -15.26 11.43 14.87
C VAL D 56 -14.00 12.22 15.16
N THR D 57 -14.13 13.53 15.41
CA THR D 57 -12.96 14.37 15.66
C THR D 57 -12.19 13.90 16.89
N VAL D 58 -12.89 13.33 17.88
CA VAL D 58 -12.23 12.85 19.09
C VAL D 58 -11.73 11.42 18.92
N TYR D 59 -12.52 10.56 18.28
CA TYR D 59 -12.19 9.15 18.15
C TYR D 59 -11.13 8.88 17.09
N LEU D 60 -10.89 9.81 16.18
CA LEU D 60 -9.90 9.57 15.13
C LEU D 60 -8.48 9.55 15.70
N PHE D 61 -8.19 10.44 16.65
CA PHE D 61 -6.82 10.55 17.17
C PHE D 61 -6.66 9.84 18.50
N CYS D 62 -7.72 9.79 19.31
CA CYS D 62 -7.72 8.94 20.51
C CYS D 62 -7.87 7.49 20.05
N ASP D 63 -6.73 6.81 19.86
CA ASP D 63 -6.69 5.59 19.08
C ASP D 63 -7.54 4.46 19.65
N ASP D 64 -7.13 3.90 20.79
CA ASP D 64 -7.76 2.77 21.49
C ASP D 64 -7.77 1.52 20.61
N HIS D 65 -7.27 1.59 19.38
CA HIS D 65 -7.22 0.49 18.42
C HIS D 65 -8.61 0.04 17.98
N LYS D 66 -9.65 0.63 18.56
CA LYS D 66 -11.02 0.35 18.14
C LYS D 66 -11.89 1.59 18.01
N LEU D 67 -11.50 2.73 18.58
CA LEU D 67 -12.21 3.97 18.38
C LEU D 67 -11.74 4.73 17.15
N GLN D 68 -10.53 4.45 16.66
CA GLN D 68 -10.08 5.01 15.39
C GLN D 68 -10.58 4.21 14.21
N ARG D 69 -11.10 3.00 14.43
CA ARG D 69 -11.74 2.24 13.37
C ARG D 69 -13.25 2.46 13.32
N TYR D 70 -13.88 2.71 14.47
CA TYR D 70 -15.28 3.14 14.46
C TYR D 70 -15.43 4.48 13.74
N ALA D 71 -14.51 5.41 13.99
CA ALA D 71 -14.52 6.71 13.34
C ALA D 71 -13.76 6.71 12.02
N LEU D 72 -13.22 5.57 11.59
CA LEU D 72 -12.68 5.45 10.25
C LEU D 72 -13.72 4.96 9.25
N ASN D 73 -14.70 4.19 9.73
CA ASN D 73 -15.81 3.75 8.91
C ASN D 73 -16.97 4.74 8.91
N ARG D 74 -16.93 5.75 9.76
CA ARG D 74 -17.90 6.83 9.76
C ARG D 74 -17.51 7.97 8.83
N ILE D 75 -16.32 7.90 8.21
CA ILE D 75 -15.96 8.85 7.17
C ILE D 75 -16.10 8.27 5.77
N THR D 76 -16.17 6.95 5.64
CA THR D 76 -16.61 6.36 4.38
C THR D 76 -18.11 6.57 4.15
N VAL D 77 -18.82 7.03 5.17
CA VAL D 77 -20.23 7.38 5.01
C VAL D 77 -20.38 8.82 4.51
N TRP D 78 -19.50 9.72 4.94
CA TRP D 78 -19.52 11.07 4.41
C TRP D 78 -19.05 11.15 2.98
N ARG D 79 -18.48 10.07 2.43
CA ARG D 79 -18.23 10.00 1.00
C ARG D 79 -19.53 9.82 0.23
N SER D 80 -20.44 8.99 0.76
CA SER D 80 -21.76 8.84 0.14
C SER D 80 -22.59 10.10 0.25
N ARG D 81 -22.44 10.85 1.35
CA ARG D 81 -23.20 12.08 1.54
C ARG D 81 -22.79 13.19 0.57
N SER D 82 -21.69 13.03 -0.16
CA SER D 82 -21.24 14.01 -1.13
C SER D 82 -21.05 13.37 -2.50
N GLY D 83 -21.80 12.31 -2.79
CA GLY D 83 -21.70 11.57 -4.02
C GLY D 83 -20.61 10.52 -4.02
N ASN D 84 -19.35 10.93 -4.28
CA ASN D 84 -18.22 10.05 -4.02
C ASN D 84 -16.97 10.83 -3.59
N GLU D 85 -17.14 11.97 -2.96
CA GLU D 85 -16.03 12.90 -2.76
C GLU D 85 -15.90 13.27 -1.29
N LEU D 86 -14.64 13.41 -0.86
CA LEU D 86 -14.24 13.88 0.45
C LEU D 86 -13.18 14.96 0.26
N PRO D 87 -13.10 15.92 1.18
CA PRO D 87 -12.02 16.92 1.09
C PRO D 87 -10.65 16.26 1.15
N LEU D 88 -9.69 16.90 0.49
CA LEU D 88 -8.34 16.34 0.41
C LEU D 88 -7.76 16.09 1.80
N ALA D 89 -7.97 17.03 2.72
CA ALA D 89 -7.44 16.88 4.07
C ALA D 89 -8.04 15.67 4.77
N VAL D 90 -9.36 15.48 4.64
CA VAL D 90 -10.01 14.36 5.31
C VAL D 90 -9.59 13.04 4.71
N ALA D 91 -9.45 12.99 3.38
CA ALA D 91 -8.98 11.78 2.73
C ALA D 91 -7.57 11.43 3.18
N SER D 92 -6.69 12.42 3.25
CA SER D 92 -5.33 12.17 3.71
C SER D 92 -5.31 11.70 5.16
N THR D 93 -6.11 12.33 6.01
CA THR D 93 -6.16 11.93 7.42
C THR D 93 -6.67 10.50 7.56
N ALA D 94 -7.67 10.11 6.78
CA ALA D 94 -8.17 8.75 6.85
C ALA D 94 -7.15 7.75 6.32
N ASP D 95 -6.45 8.11 5.23
CA ASP D 95 -5.44 7.20 4.67
C ASP D 95 -4.32 6.96 5.65
N LEU D 96 -3.87 8.02 6.34
CA LEU D 96 -2.74 7.88 7.26
C LEU D 96 -3.08 7.07 8.50
N ILE D 97 -4.35 6.79 8.77
CA ILE D 97 -4.72 5.93 9.89
C ILE D 97 -5.08 4.54 9.37
N ARG D 98 -5.54 4.47 8.12
CA ARG D 98 -5.64 3.17 7.45
C ARG D 98 -4.27 2.50 7.40
N CYS D 99 -3.23 3.28 7.12
CA CYS D 99 -1.87 2.76 7.17
C CYS D 99 -1.48 2.34 8.58
N LYS D 100 -1.83 3.17 9.58
CA LYS D 100 -1.43 2.89 10.95
C LYS D 100 -2.05 1.61 11.48
N LEU D 101 -3.34 1.38 11.19
CA LEU D 101 -4.05 0.22 11.72
C LEU D 101 -3.58 -1.10 11.09
N LEU D 102 -2.54 -1.07 10.28
CA LEU D 102 -1.98 -2.28 9.70
C LEU D 102 -0.55 -2.57 10.12
N ASP D 103 0.23 -1.55 10.48
CA ASP D 103 1.54 -1.77 11.06
C ASP D 103 1.47 -2.01 12.56
N VAL D 104 0.42 -1.54 13.22
CA VAL D 104 0.19 -1.89 14.62
C VAL D 104 -0.25 -3.35 14.77
N THR D 105 -1.18 -3.81 13.93
CA THR D 105 -1.59 -5.20 13.94
C THR D 105 -0.60 -6.13 13.25
N GLY D 106 0.04 -5.67 12.17
CA GLY D 106 0.92 -6.53 11.41
C GLY D 106 0.20 -7.21 10.25
N GLY D 107 -0.45 -6.41 9.41
CA GLY D 107 -1.27 -6.96 8.35
C GLY D 107 -0.47 -7.79 7.36
N LEU D 108 0.66 -7.25 6.91
CA LEU D 108 1.47 -7.92 5.89
C LEU D 108 2.95 -7.60 6.15
N GLY D 109 3.80 -8.01 5.22
CA GLY D 109 5.23 -7.89 5.40
C GLY D 109 5.72 -6.46 5.28
N THR D 110 7.00 -6.28 5.63
CA THR D 110 7.59 -4.95 5.67
C THR D 110 7.62 -4.32 4.28
N ASP D 111 7.96 -5.09 3.25
CA ASP D 111 8.02 -4.55 1.90
C ASP D 111 6.65 -4.07 1.44
N GLU D 112 5.61 -4.86 1.70
CA GLU D 112 4.26 -4.48 1.30
C GLU D 112 3.64 -3.42 2.21
N LEU D 113 4.01 -3.40 3.49
CA LEU D 113 3.51 -2.39 4.41
C LEU D 113 4.18 -1.04 4.20
N ARG D 114 5.39 -1.02 3.62
CA ARG D 114 6.03 0.22 3.26
C ARG D 114 5.41 0.85 2.02
N LEU D 115 4.68 0.06 1.22
CA LEU D 115 4.05 0.60 0.03
C LEU D 115 2.86 1.49 0.38
N LEU D 116 2.11 1.13 1.42
CA LEU D 116 1.04 1.99 1.90
C LEU D 116 1.59 3.31 2.44
N TYR D 117 2.61 3.22 3.31
CA TYR D 117 3.16 4.41 3.95
C TYR D 117 3.70 5.39 2.93
N GLY D 118 4.48 4.90 1.97
CA GLY D 118 5.08 5.79 0.98
C GLY D 118 4.05 6.46 0.10
N MET D 119 3.07 5.69 -0.37
CA MET D 119 2.02 6.26 -1.21
C MET D 119 1.23 7.31 -0.45
N ALA D 120 0.88 7.01 0.80
CA ALA D 120 0.12 7.96 1.61
C ALA D 120 0.91 9.23 1.85
N LEU D 121 2.20 9.12 2.19
CA LEU D 121 3.00 10.30 2.46
C LEU D 121 3.20 11.14 1.20
N VAL D 122 3.41 10.48 0.06
CA VAL D 122 3.56 11.22 -1.20
C VAL D 122 2.28 11.97 -1.53
N ARG D 123 1.12 11.31 -1.37
CA ARG D 123 -0.14 11.99 -1.62
C ARG D 123 -0.37 13.14 -0.64
N PHE D 124 0.05 12.99 0.61
CA PHE D 124 -0.10 14.07 1.58
C PHE D 124 0.76 15.27 1.19
N VAL D 125 2.05 15.04 0.92
CA VAL D 125 2.95 16.15 0.64
C VAL D 125 2.57 16.84 -0.66
N ASN D 126 2.28 16.05 -1.71
CA ASN D 126 1.98 16.64 -3.01
C ASN D 126 0.69 17.45 -2.98
N LEU D 127 -0.34 16.94 -2.31
CA LEU D 127 -1.64 17.59 -2.29
C LEU D 127 -1.73 18.67 -1.21
N ILE D 128 -1.49 18.28 0.04
CA ILE D 128 -1.54 19.23 1.15
C ILE D 128 -0.15 19.46 1.71
N PRO D 150 9.98 21.05 7.13
CA PRO D 150 11.45 20.99 7.00
C PRO D 150 11.89 20.06 5.87
N ASP D 151 13.20 19.93 5.68
CA ASP D 151 13.73 19.02 4.67
C ASP D 151 13.66 17.56 5.10
N TRP D 152 13.36 17.28 6.37
CA TRP D 152 13.21 15.91 6.82
C TRP D 152 12.02 15.25 6.13
N ILE D 153 10.92 15.98 5.98
CA ILE D 153 9.72 15.43 5.36
C ILE D 153 9.71 15.63 3.85
N VAL D 154 10.15 16.81 3.39
CA VAL D 154 10.08 17.11 1.96
C VAL D 154 10.97 16.15 1.16
N ASP D 155 12.19 15.91 1.65
CA ASP D 155 13.09 15.00 0.94
C ASP D 155 12.65 13.54 1.05
N LEU D 156 11.79 13.23 2.01
CA LEU D 156 11.31 11.86 2.15
C LEU D 156 10.52 11.42 0.92
N ARG D 157 9.69 12.31 0.38
CA ARG D 157 8.92 11.96 -0.81
C ARG D 157 9.83 11.73 -2.01
N HIS D 158 10.90 12.53 -2.14
CA HIS D 158 11.84 12.34 -3.23
C HIS D 158 12.57 11.01 -3.09
N GLU D 159 13.02 10.69 -1.87
CA GLU D 159 13.67 9.41 -1.65
C GLU D 159 12.71 8.25 -1.87
N LEU D 160 11.41 8.48 -1.64
CA LEU D 160 10.42 7.44 -1.82
C LEU D 160 10.17 7.15 -3.30
N THR D 161 10.04 8.20 -4.10
CA THR D 161 9.63 8.01 -5.48
C THR D 161 10.80 7.84 -6.46
N HIS D 162 11.86 8.62 -6.30
CA HIS D 162 12.92 8.67 -7.31
C HIS D 162 14.16 7.88 -6.94
N LYS D 163 14.28 7.39 -5.71
CA LYS D 163 15.50 6.72 -5.28
C LYS D 163 15.20 5.44 -4.52
N LYS D 164 16.23 4.89 -3.87
CA LYS D 164 16.10 3.60 -3.18
C LYS D 164 15.02 3.68 -2.10
N MET D 165 14.46 2.52 -1.78
CA MET D 165 13.36 2.43 -0.83
C MET D 165 13.82 2.87 0.56
N PRO D 166 13.14 3.83 1.19
CA PRO D 166 13.55 4.26 2.53
C PRO D 166 13.38 3.15 3.54
N HIS D 167 14.13 3.25 4.63
CA HIS D 167 13.99 2.29 5.72
C HIS D 167 12.61 2.40 6.34
N ILE D 168 12.10 1.26 6.85
CA ILE D 168 10.73 1.21 7.34
C ILE D 168 10.54 2.15 8.52
N ASN D 169 11.51 2.20 9.44
CA ASN D 169 11.38 3.08 10.59
C ASN D 169 11.33 4.54 10.18
N ASP D 170 12.00 4.90 9.08
CA ASP D 170 11.97 6.28 8.61
C ASP D 170 10.56 6.71 8.25
N CYS D 171 9.88 5.91 7.40
CA CYS D 171 8.52 6.26 7.01
C CYS D 171 7.55 6.12 8.17
N ARG D 172 7.81 5.17 9.08
CA ARG D 172 6.96 5.06 10.27
C ARG D 172 7.00 6.34 11.09
N ARG D 173 8.20 6.82 11.41
CA ARG D 173 8.32 8.07 12.17
C ARG D 173 7.77 9.26 11.38
N GLY D 174 7.97 9.30 10.06
CA GLY D 174 7.43 10.39 9.27
C GLY D 174 5.90 10.43 9.34
N CYS D 175 5.26 9.27 9.19
CA CYS D 175 3.80 9.21 9.27
C CYS D 175 3.30 9.56 10.67
N TYR D 176 3.96 9.04 11.71
CA TYR D 176 3.54 9.33 13.07
C TYR D 176 3.70 10.81 13.39
N PHE D 177 4.70 11.47 12.80
CA PHE D 177 4.84 12.91 13.00
C PHE D 177 3.78 13.68 12.22
N VAL D 178 3.57 13.33 10.96
CA VAL D 178 2.67 14.12 10.12
C VAL D 178 1.22 13.95 10.57
N LEU D 179 0.88 12.83 11.22
CA LEU D 179 -0.45 12.71 11.80
C LEU D 179 -0.68 13.73 12.91
N ASP D 180 0.38 14.23 13.54
CA ASP D 180 0.24 15.30 14.52
C ASP D 180 -0.04 16.64 13.86
N TRP D 181 0.34 16.80 12.59
CA TRP D 181 0.07 18.05 11.88
C TRP D 181 -1.44 18.26 11.71
N LEU D 182 -2.17 17.19 11.42
CA LEU D 182 -3.62 17.27 11.22
C LEU D 182 -4.40 17.33 12.52
N GLN D 183 -3.76 17.04 13.65
CA GLN D 183 -4.47 17.10 14.93
C GLN D 183 -4.73 18.55 15.37
N LYS D 184 -3.81 19.46 15.04
CA LYS D 184 -3.92 20.85 15.47
C LYS D 184 -4.34 21.80 14.35
N THR D 185 -4.19 21.42 13.09
CA THR D 185 -4.48 22.30 11.97
C THR D 185 -5.91 22.15 11.44
N TYR D 186 -6.41 20.92 11.30
CA TYR D 186 -7.75 20.70 10.77
C TYR D 186 -8.72 20.17 11.81
N TRP D 187 -8.39 19.07 12.47
CA TRP D 187 -9.28 18.50 13.48
C TRP D 187 -9.15 19.22 14.82
N SER E 25 27.45 -28.56 23.40
CA SER E 25 27.54 -29.77 22.58
C SER E 25 28.97 -30.01 22.11
N ALA E 26 29.10 -30.56 20.91
CA ALA E 26 30.41 -30.83 20.32
C ALA E 26 30.27 -30.85 18.81
N TRP E 27 31.39 -30.64 18.13
CA TRP E 27 31.45 -30.68 16.67
C TRP E 27 32.28 -31.88 16.24
N GLN E 28 31.71 -32.68 15.35
CA GLN E 28 32.40 -33.88 14.87
C GLN E 28 33.29 -33.51 13.69
N VAL E 29 34.60 -33.79 13.83
CA VAL E 29 35.51 -33.60 12.71
C VAL E 29 35.17 -34.61 11.63
N SER E 30 35.04 -34.14 10.39
CA SER E 30 34.59 -34.99 9.31
C SER E 30 35.62 -36.09 9.03
N SER E 31 35.10 -37.28 8.70
CA SER E 31 35.94 -38.39 8.23
C SER E 31 35.50 -38.86 6.85
N GLU E 32 34.59 -38.14 6.22
CA GLU E 32 34.04 -38.50 4.92
C GLU E 32 34.91 -37.94 3.81
N ASP E 33 35.07 -38.73 2.75
CA ASP E 33 35.85 -38.33 1.57
C ASP E 33 37.28 -37.96 1.97
N TRP E 36 36.23 -34.03 -0.25
CA TRP E 36 36.30 -32.59 -0.10
C TRP E 36 37.07 -31.96 -1.25
N ASP E 37 38.13 -32.63 -1.66
CA ASP E 37 38.95 -32.13 -2.76
C ASP E 37 38.17 -32.11 -4.07
N THR E 38 37.33 -33.12 -4.30
CA THR E 38 36.70 -33.27 -5.60
C THR E 38 35.64 -32.19 -5.85
N PHE E 39 34.60 -32.16 -5.03
CA PHE E 39 33.54 -31.19 -5.28
C PHE E 39 33.92 -29.81 -4.73
N PRO E 40 33.47 -28.74 -5.38
CA PRO E 40 33.89 -27.39 -4.98
C PRO E 40 33.08 -26.81 -3.83
N LEU E 41 33.36 -25.55 -3.50
CA LEU E 41 32.64 -24.84 -2.45
C LEU E 41 31.24 -24.48 -2.93
N GLY E 42 30.23 -25.17 -2.42
CA GLY E 42 28.86 -24.86 -2.76
C GLY E 42 28.07 -26.07 -3.21
N ARG E 43 28.71 -26.97 -3.96
CA ARG E 43 28.07 -28.20 -4.43
C ARG E 43 28.65 -29.35 -3.61
N MET E 44 27.89 -29.79 -2.61
CA MET E 44 28.34 -30.87 -1.74
C MET E 44 27.66 -32.18 -2.10
N ALA E 52 17.94 -26.57 -5.40
CA ALA E 52 16.57 -26.67 -4.91
C ALA E 52 16.38 -27.98 -4.15
N GLU E 53 17.47 -28.73 -3.98
CA GLU E 53 17.37 -30.01 -3.29
C GLU E 53 17.10 -29.81 -1.80
N LEU E 54 17.68 -28.79 -1.20
CA LEU E 54 17.44 -28.48 0.21
C LEU E 54 16.31 -27.47 0.38
N MET E 55 15.18 -27.75 -0.28
CA MET E 55 13.98 -26.96 -0.11
C MET E 55 13.28 -27.34 1.20
N LEU E 56 12.50 -26.41 1.73
CA LEU E 56 11.97 -26.61 3.07
C LEU E 56 10.57 -26.03 3.17
N GLU E 57 9.77 -26.64 4.06
CA GLU E 57 8.42 -26.18 4.36
C GLU E 57 8.12 -26.08 5.84
N ASN E 58 8.89 -26.75 6.70
CA ASN E 58 8.71 -26.69 8.14
C ASN E 58 9.94 -26.04 8.77
N TYR E 59 9.71 -25.10 9.68
CA TYR E 59 10.81 -24.40 10.33
C TYR E 59 10.46 -24.11 11.78
N ASP E 60 11.42 -24.32 12.67
CA ASP E 60 11.25 -23.94 14.06
C ASP E 60 11.43 -22.43 14.21
N THR E 61 11.17 -21.93 15.42
CA THR E 61 11.35 -20.51 15.69
C THR E 61 11.76 -20.33 17.15
N MET E 62 12.80 -19.55 17.38
CA MET E 62 13.27 -19.22 18.71
C MET E 62 13.00 -17.75 19.02
N TYR E 63 12.64 -17.49 20.28
CA TYR E 63 12.33 -16.14 20.73
C TYR E 63 13.28 -15.76 21.86
N LEU E 64 13.88 -14.58 21.75
CA LEU E 64 14.84 -14.12 22.75
C LEU E 64 14.13 -13.62 24.00
N SER F 25 -46.69 -6.41 -0.95
CA SER F 25 -46.11 -6.98 0.27
C SER F 25 -46.32 -6.05 1.45
N ALA F 26 -45.36 -6.04 2.37
CA ALA F 26 -45.45 -5.23 3.59
C ALA F 26 -45.17 -3.77 3.23
N TRP F 27 -46.25 -3.02 3.00
CA TRP F 27 -46.17 -1.59 2.73
C TRP F 27 -47.35 -0.94 3.47
N GLN F 28 -47.11 -0.52 4.71
CA GLN F 28 -48.14 0.08 5.54
C GLN F 28 -48.23 1.57 5.24
N VAL F 29 -49.48 2.06 5.10
CA VAL F 29 -49.70 3.45 4.71
C VAL F 29 -49.59 4.42 5.88
N SER F 30 -49.24 3.94 7.08
CA SER F 30 -49.14 4.76 8.28
C SER F 30 -50.45 5.52 8.52
N SER F 31 -51.51 4.75 8.76
CA SER F 31 -52.85 5.32 8.83
C SER F 31 -52.98 6.31 9.98
N GLU F 32 -52.27 6.09 11.09
CA GLU F 32 -52.45 6.90 12.30
C GLU F 32 -51.09 7.18 12.94
N ASP F 33 -50.48 8.30 12.56
CA ASP F 33 -49.30 8.83 13.23
C ASP F 33 -49.37 10.36 13.14
N VAL F 34 -48.84 11.02 14.17
CA VAL F 34 -49.08 12.45 14.35
C VAL F 34 -47.80 13.27 14.39
N ARG F 35 -46.62 12.65 14.51
CA ARG F 35 -45.41 13.40 14.88
C ARG F 35 -45.05 14.46 13.84
N TRP F 36 -45.13 14.13 12.56
CA TRP F 36 -44.52 14.94 11.51
C TRP F 36 -45.30 16.23 11.32
N ASP F 37 -44.90 17.29 12.01
CA ASP F 37 -45.52 18.58 11.71
C ASP F 37 -44.54 19.72 11.49
N THR F 38 -43.48 19.82 12.29
CA THR F 38 -42.68 21.04 12.27
C THR F 38 -41.44 20.95 11.39
N PHE F 39 -40.46 20.12 11.78
CA PHE F 39 -39.25 19.93 10.98
C PHE F 39 -38.64 18.55 11.16
N PRO F 40 -39.38 17.44 10.95
CA PRO F 40 -38.80 16.10 11.09
C PRO F 40 -38.25 15.54 9.79
N LEU F 41 -37.52 16.37 9.04
CA LEU F 41 -36.88 15.93 7.81
C LEU F 41 -35.42 15.56 8.10
N GLY F 42 -35.28 14.53 8.91
CA GLY F 42 -33.98 14.09 9.38
C GLY F 42 -33.75 14.20 10.88
N ARG F 43 -34.81 14.32 11.69
CA ARG F 43 -34.74 14.38 13.14
C ARG F 43 -35.78 13.44 13.74
N MET F 44 -35.85 12.23 13.20
CA MET F 44 -36.80 11.24 13.70
C MET F 44 -36.08 10.20 14.55
N GLU F 49 -29.59 13.08 19.34
CA GLU F 49 -28.37 13.56 18.72
C GLU F 49 -27.20 12.62 19.01
N ASP F 50 -27.41 11.65 19.88
CA ASP F 50 -26.36 10.69 20.22
C ASP F 50 -26.04 9.84 18.99
N PRO F 51 -24.77 9.77 18.57
CA PRO F 51 -24.46 9.06 17.33
C PRO F 51 -24.52 7.55 17.44
N ALA F 52 -25.60 7.04 18.04
CA ALA F 52 -25.81 5.60 18.13
C ALA F 52 -27.27 5.23 17.96
N GLU F 53 -28.13 6.17 17.59
CA GLU F 53 -29.56 5.88 17.47
C GLU F 53 -29.82 4.79 16.43
N LEU F 54 -29.14 4.87 15.29
CA LEU F 54 -29.28 3.91 14.20
C LEU F 54 -27.98 3.14 14.00
N MET F 55 -27.20 2.99 15.06
CA MET F 55 -25.94 2.27 14.96
C MET F 55 -26.19 0.76 14.84
N LEU F 56 -25.20 0.07 14.29
CA LEU F 56 -25.38 -1.32 13.89
C LEU F 56 -24.12 -2.12 14.12
N GLU F 57 -24.30 -3.39 14.48
CA GLU F 57 -23.23 -4.35 14.60
C GLU F 57 -23.48 -5.62 13.81
N ASN F 58 -24.68 -5.84 13.29
CA ASN F 58 -25.02 -7.02 12.50
C ASN F 58 -25.74 -6.59 11.22
N TYR F 59 -25.55 -7.38 10.17
CA TYR F 59 -26.15 -7.08 8.88
C TYR F 59 -26.29 -8.35 8.07
N ASP F 60 -27.37 -8.46 7.30
CA ASP F 60 -27.57 -9.56 6.38
C ASP F 60 -26.80 -9.30 5.09
N THR F 61 -26.91 -10.23 4.14
CA THR F 61 -26.26 -10.06 2.85
C THR F 61 -26.96 -10.95 1.82
N MET F 62 -27.32 -10.36 0.69
CA MET F 62 -27.86 -11.10 -0.44
C MET F 62 -26.77 -11.30 -1.50
N TYR F 63 -27.11 -12.02 -2.56
CA TYR F 63 -26.18 -12.29 -3.64
C TYR F 63 -26.92 -12.54 -4.96
#